data_5IQ9
#
_entry.id   5IQ9
#
_cell.length_a   65.025
_cell.length_b   79.529
_cell.length_c   211.367
_cell.angle_alpha   90.000
_cell.angle_beta   90.000
_cell.angle_gamma   90.000
#
_symmetry.space_group_name_H-M   'P 21 21 21'
#
loop_
_entity.id
_entity.type
_entity.pdbx_description
1 polymer '10E8v4 Heavy Chain'
2 polymer '10E8v4 Light Chain'
3 polymer 'gp41 MPER peptide'
4 water water
#
loop_
_entity_poly.entity_id
_entity_poly.type
_entity_poly.pdbx_seq_one_letter_code
_entity_poly.pdbx_strand_id
1 'polypeptide(L)'
;EVRLVESGGGLVKPGGSLRLSCSASGFDFDNAWMTWVRQPPGKGLEWVGRITGPGEGWSVDYAESVKGRFTISRDNTKNT
LYLEMNNVRTEDTGYYFCARTGKYYDFWSGYPPGEEYFQDWGQGTLVIVSSASTKGPSVFPLAPSSKSTSGGTAALGCLV
KDYFPEPVTVSWNSGALTSGVHTFPAVLQSSGLYSLSSVVTVPSSSLGTQTYICNVNHKPSNTKVDKKVEPK
;
A,H
2 'polypeptide(L)'
;SELTQDPAVSVALKQTVTITCRGDSLRSHYASWYQKKPGQAPVLLFYGKNNRPSGIPDRFSGSASGNRASLTITGAQAED
EADYYCSSRDKSGSRLSVFGGGTKLTVLSQPKAAPSVTLFPPSSEELQANKATLVCLISDFYPGAVTVAWKADSSPVKAG
VETTTPSKQSNNKYAASSYLSLTPEQWKSHRSYSCQVTHEGSTVEKTVAP
;
B,L
3 'polypeptide(L)' RRRNEQELLELDKWASLWNWFDITNWLWYIRRR C,P
#
# COMPACT_ATOMS: atom_id res chain seq x y z
N GLU A 1 -19.33 -22.56 -24.86
CA GLU A 1 -20.22 -21.59 -25.49
C GLU A 1 -19.85 -20.16 -25.06
N VAL A 2 -19.49 -20.01 -23.78
CA VAL A 2 -19.09 -18.71 -23.27
C VAL A 2 -17.71 -18.37 -23.80
N ARG A 3 -17.58 -17.20 -24.44
CA ARG A 3 -16.31 -16.74 -24.97
C ARG A 3 -16.07 -15.31 -24.55
N LEU A 4 -14.87 -15.04 -24.01
CA LEU A 4 -14.44 -13.71 -23.62
C LEU A 4 -13.04 -13.49 -24.20
N VAL A 5 -12.89 -12.43 -24.99
CA VAL A 5 -11.63 -12.15 -25.68
C VAL A 5 -11.20 -10.73 -25.37
N GLU A 6 -10.05 -10.58 -24.73
CA GLU A 6 -9.45 -9.28 -24.47
C GLU A 6 -8.59 -8.84 -25.65
N SER A 7 -8.54 -7.54 -25.88
CA SER A 7 -7.69 -6.96 -26.91
C SER A 7 -7.37 -5.52 -26.52
N GLY A 8 -6.42 -4.94 -27.25
CA GLY A 8 -5.98 -3.58 -27.00
C GLY A 8 -4.70 -3.44 -26.21
N GLY A 9 -4.10 -4.55 -25.78
CA GLY A 9 -2.86 -4.47 -25.04
C GLY A 9 -1.70 -4.06 -25.93
N GLY A 10 -0.65 -3.57 -25.28
CA GLY A 10 0.52 -3.11 -26.02
C GLY A 10 1.43 -2.30 -25.11
N LEU A 11 2.30 -1.51 -25.75
CA LEU A 11 3.24 -0.67 -25.04
C LEU A 11 2.69 0.74 -24.92
N VAL A 12 2.72 1.30 -23.71
CA VAL A 12 2.25 2.66 -23.46
C VAL A 12 3.26 3.35 -22.55
N LYS A 13 3.51 4.64 -22.82
CA LYS A 13 4.43 5.40 -21.99
C LYS A 13 3.76 5.80 -20.69
N PRO A 14 4.55 5.97 -19.62
CA PRO A 14 3.99 6.51 -18.37
C PRO A 14 3.34 7.86 -18.59
N GLY A 15 2.18 8.04 -17.95
CA GLY A 15 1.37 9.23 -18.15
C GLY A 15 0.47 9.20 -19.37
N GLY A 16 0.60 8.18 -20.22
CA GLY A 16 -0.22 8.07 -21.40
C GLY A 16 -1.56 7.42 -21.12
N SER A 17 -2.25 7.08 -22.21
CA SER A 17 -3.57 6.48 -22.13
C SER A 17 -3.63 5.24 -23.01
N LEU A 18 -4.54 4.34 -22.67
CA LEU A 18 -4.75 3.10 -23.40
C LEU A 18 -6.15 2.60 -23.09
N ARG A 19 -6.79 1.97 -24.06
CA ARG A 19 -8.14 1.43 -23.91
C ARG A 19 -8.13 -0.06 -24.23
N LEU A 20 -8.52 -0.88 -23.26
CA LEU A 20 -8.66 -2.32 -23.45
C LEU A 20 -10.11 -2.66 -23.74
N SER A 21 -10.32 -3.65 -24.61
CA SER A 21 -11.65 -4.10 -24.99
C SER A 21 -11.79 -5.59 -24.70
N CYS A 22 -13.02 -5.98 -24.37
CA CYS A 22 -13.35 -7.37 -24.10
C CYS A 22 -14.69 -7.66 -24.77
N SER A 23 -14.65 -8.42 -25.86
CA SER A 23 -15.87 -8.81 -26.56
C SER A 23 -16.36 -10.15 -26.02
N ALA A 24 -17.65 -10.23 -25.71
CA ALA A 24 -18.24 -11.39 -25.06
C ALA A 24 -19.29 -12.03 -25.96
N SER A 25 -19.52 -13.32 -25.73
CA SER A 25 -20.58 -14.06 -26.42
C SER A 25 -20.92 -15.31 -25.61
N GLY A 26 -22.07 -15.89 -25.90
CA GLY A 26 -22.50 -17.13 -25.29
C GLY A 26 -23.29 -16.98 -24.02
N PHE A 27 -23.63 -15.77 -23.61
CA PHE A 27 -24.45 -15.56 -22.42
C PHE A 27 -25.16 -14.21 -22.56
N ASP A 28 -26.14 -13.99 -21.69
CA ASP A 28 -26.88 -12.72 -21.67
C ASP A 28 -25.96 -11.62 -21.16
N PHE A 29 -25.35 -10.88 -22.08
CA PHE A 29 -24.35 -9.89 -21.71
C PHE A 29 -24.98 -8.71 -20.97
N ASP A 30 -26.19 -8.31 -21.37
CA ASP A 30 -26.78 -7.08 -20.82
C ASP A 30 -26.97 -7.15 -19.31
N ASN A 31 -27.47 -8.29 -18.81
CA ASN A 31 -27.75 -8.46 -17.39
C ASN A 31 -26.57 -9.01 -16.60
N ALA A 32 -25.41 -9.19 -17.23
CA ALA A 32 -24.25 -9.79 -16.60
C ALA A 32 -23.34 -8.71 -16.03
N TRP A 33 -22.88 -8.93 -14.80
CA TRP A 33 -21.83 -8.11 -14.21
C TRP A 33 -20.49 -8.50 -14.79
N MET A 34 -19.64 -7.49 -15.06
CA MET A 34 -18.35 -7.72 -15.71
C MET A 34 -17.24 -7.09 -14.90
N THR A 35 -16.14 -7.83 -14.74
CA THR A 35 -15.04 -7.45 -13.87
C THR A 35 -13.73 -7.44 -14.65
N TRP A 36 -12.87 -6.47 -14.34
CA TRP A 36 -11.50 -6.45 -14.83
C TRP A 36 -10.55 -6.89 -13.72
N VAL A 37 -9.65 -7.82 -14.05
CA VAL A 37 -8.65 -8.33 -13.12
C VAL A 37 -7.30 -8.29 -13.82
N ARG A 38 -6.27 -7.88 -13.10
CA ARG A 38 -4.93 -7.82 -13.66
C ARG A 38 -3.97 -8.67 -12.85
N GLN A 39 -2.87 -9.04 -13.50
CA GLN A 39 -1.83 -9.87 -12.88
C GLN A 39 -0.48 -9.30 -13.31
N PRO A 40 0.21 -8.61 -12.42
CA PRO A 40 1.56 -8.16 -12.74
C PRO A 40 2.46 -9.36 -12.97
N PRO A 41 3.52 -9.19 -13.78
CA PRO A 41 4.41 -10.33 -14.06
C PRO A 41 5.04 -10.89 -12.80
N GLY A 42 4.87 -12.20 -12.60
CA GLY A 42 5.40 -12.88 -11.45
C GLY A 42 4.61 -12.70 -10.17
N LYS A 43 3.50 -11.97 -10.21
CA LYS A 43 2.71 -11.68 -9.01
C LYS A 43 1.32 -12.30 -9.14
N GLY A 44 0.45 -12.02 -8.18
CA GLY A 44 -0.86 -12.63 -8.11
C GLY A 44 -1.94 -11.80 -8.78
N LEU A 45 -3.16 -12.30 -8.69
CA LEU A 45 -4.31 -11.63 -9.28
C LEU A 45 -4.68 -10.39 -8.45
N GLU A 46 -5.06 -9.33 -9.14
CA GLU A 46 -5.45 -8.08 -8.49
C GLU A 46 -6.77 -7.59 -9.06
N TRP A 47 -7.74 -7.35 -8.19
CA TRP A 47 -9.04 -6.87 -8.61
C TRP A 47 -8.95 -5.40 -9.00
N VAL A 48 -9.38 -5.08 -10.21
CA VAL A 48 -9.30 -3.72 -10.74
C VAL A 48 -10.63 -2.99 -10.59
N GLY A 49 -11.71 -3.62 -11.02
CA GLY A 49 -13.01 -3.00 -10.89
C GLY A 49 -14.06 -3.81 -11.63
N ARG A 50 -15.32 -3.44 -11.38
CA ARG A 50 -16.46 -4.18 -11.90
C ARG A 50 -17.59 -3.21 -12.22
N ILE A 51 -18.33 -3.51 -13.28
CA ILE A 51 -19.52 -2.76 -13.64
C ILE A 51 -20.73 -3.67 -13.47
N THR A 52 -21.83 -3.12 -12.95
CA THR A 52 -23.01 -3.90 -12.61
C THR A 52 -24.00 -3.88 -13.78
N GLY A 53 -25.26 -4.22 -13.52
CA GLY A 53 -26.26 -4.32 -14.56
C GLY A 53 -27.30 -3.22 -14.53
N PRO A 54 -28.42 -3.44 -15.22
CA PRO A 54 -29.42 -2.36 -15.35
C PRO A 54 -30.13 -2.02 -14.05
N GLY A 55 -30.40 -3.02 -13.19
CA GLY A 55 -31.05 -2.72 -11.93
C GLY A 55 -30.22 -1.89 -10.98
N GLU A 56 -28.91 -1.83 -11.20
CA GLU A 56 -28.01 -1.02 -10.37
C GLU A 56 -27.61 0.28 -11.05
N GLY A 57 -28.26 0.64 -12.16
CA GLY A 57 -27.88 1.84 -12.87
C GLY A 57 -26.50 1.78 -13.47
N TRP A 58 -26.00 0.58 -13.78
CA TRP A 58 -24.68 0.40 -14.40
C TRP A 58 -23.57 1.02 -13.56
N SER A 59 -23.73 1.00 -12.24
CA SER A 59 -22.72 1.58 -11.36
C SER A 59 -21.43 0.77 -11.42
N VAL A 60 -20.31 1.46 -11.21
CA VAL A 60 -18.99 0.87 -11.32
C VAL A 60 -18.23 1.11 -10.02
N ASP A 61 -17.51 0.09 -9.57
CA ASP A 61 -16.62 0.23 -8.42
C ASP A 61 -15.19 -0.10 -8.84
N TYR A 62 -14.24 0.55 -8.20
CA TYR A 62 -12.83 0.43 -8.56
C TYR A 62 -11.98 0.10 -7.34
N ALA A 63 -10.82 -0.48 -7.59
CA ALA A 63 -9.82 -0.66 -6.55
C ALA A 63 -9.29 0.70 -6.10
N GLU A 64 -8.89 0.77 -4.83
CA GLU A 64 -8.42 2.04 -4.27
C GLU A 64 -7.18 2.56 -5.02
N SER A 65 -6.24 1.67 -5.33
CA SER A 65 -5.01 2.05 -6.03
C SER A 65 -5.23 2.30 -7.51
N VAL A 66 -6.48 2.40 -7.93
CA VAL A 66 -6.85 2.46 -9.34
C VAL A 66 -7.76 3.66 -9.57
N LYS A 67 -8.55 4.01 -8.55
CA LYS A 67 -9.49 5.12 -8.66
C LYS A 67 -8.78 6.38 -9.10
N GLY A 68 -9.49 7.20 -9.89
CA GLY A 68 -8.96 8.44 -10.40
C GLY A 68 -8.26 8.33 -11.74
N ARG A 69 -7.86 7.13 -12.15
CA ARG A 69 -7.10 6.94 -13.36
C ARG A 69 -7.74 5.99 -14.36
N PHE A 70 -8.51 5.01 -13.90
CA PHE A 70 -9.15 4.06 -14.80
C PHE A 70 -10.64 4.34 -14.88
N THR A 71 -11.21 4.02 -16.03
CA THR A 71 -12.65 4.12 -16.26
C THR A 71 -13.14 2.85 -16.91
N ILE A 72 -14.13 2.21 -16.30
CA ILE A 72 -14.75 1.00 -16.83
C ILE A 72 -16.11 1.39 -17.39
N SER A 73 -16.39 0.95 -18.62
CA SER A 73 -17.68 1.16 -19.24
C SER A 73 -18.03 -0.07 -20.05
N ARG A 74 -19.26 -0.08 -20.58
CA ARG A 74 -19.73 -1.20 -21.38
C ARG A 74 -20.59 -0.67 -22.51
N ASP A 75 -20.60 -1.41 -23.61
CA ASP A 75 -21.43 -1.08 -24.77
C ASP A 75 -22.27 -2.32 -25.07
N ASN A 76 -23.49 -2.34 -24.54
CA ASN A 76 -24.38 -3.49 -24.69
C ASN A 76 -24.88 -3.68 -26.11
N THR A 77 -24.68 -2.69 -27.01
CA THR A 77 -25.05 -2.88 -28.40
C THR A 77 -23.99 -3.63 -29.19
N LYS A 78 -22.78 -3.76 -28.65
CA LYS A 78 -21.70 -4.45 -29.32
C LYS A 78 -21.11 -5.57 -28.45
N ASN A 79 -21.72 -5.82 -27.29
CA ASN A 79 -21.30 -6.90 -26.38
C ASN A 79 -19.82 -6.75 -26.00
N THR A 80 -19.44 -5.55 -25.60
CA THR A 80 -18.05 -5.26 -25.31
C THR A 80 -17.90 -4.56 -23.97
N LEU A 81 -16.90 -4.99 -23.21
CA LEU A 81 -16.49 -4.32 -21.98
C LEU A 81 -15.25 -3.47 -22.26
N TYR A 82 -15.14 -2.33 -21.57
CA TYR A 82 -14.07 -1.39 -21.82
C TYR A 82 -13.34 -1.04 -20.54
N LEU A 83 -12.03 -0.86 -20.65
CA LEU A 83 -11.18 -0.36 -19.56
C LEU A 83 -10.30 0.73 -20.13
N GLU A 84 -10.58 1.98 -19.77
CA GLU A 84 -9.79 3.13 -20.19
C GLU A 84 -8.78 3.44 -19.08
N MET A 85 -7.50 3.41 -19.42
CA MET A 85 -6.43 3.65 -18.47
C MET A 85 -5.79 5.00 -18.76
N ASN A 86 -5.90 5.92 -17.81
CA ASN A 86 -5.35 7.26 -17.96
C ASN A 86 -4.26 7.48 -16.91
N ASN A 87 -3.32 8.37 -17.23
CA ASN A 87 -2.20 8.67 -16.35
C ASN A 87 -1.53 7.37 -15.89
N VAL A 88 -1.22 6.53 -16.87
CA VAL A 88 -0.80 5.16 -16.58
C VAL A 88 0.57 5.16 -15.92
N ARG A 89 0.72 4.31 -14.91
CA ARG A 89 1.95 4.18 -14.12
C ARG A 89 2.62 2.84 -14.41
N THR A 90 3.89 2.75 -14.01
CA THR A 90 4.66 1.54 -14.28
C THR A 90 4.10 0.34 -13.54
N GLU A 91 3.50 0.55 -12.37
CA GLU A 91 2.89 -0.54 -11.63
C GLU A 91 1.65 -1.10 -12.30
N ASP A 92 1.09 -0.40 -13.29
CA ASP A 92 -0.04 -0.91 -14.06
C ASP A 92 0.35 -1.98 -15.07
N THR A 93 1.65 -2.27 -15.20
CA THR A 93 2.12 -3.28 -16.12
C THR A 93 1.65 -4.67 -15.70
N GLY A 94 1.07 -5.41 -16.62
CA GLY A 94 0.66 -6.78 -16.35
C GLY A 94 -0.37 -7.25 -17.36
N TYR A 95 -0.85 -8.46 -17.12
CA TYR A 95 -1.89 -9.07 -17.95
C TYR A 95 -3.26 -8.74 -17.39
N TYR A 96 -4.17 -8.31 -18.27
CA TYR A 96 -5.49 -7.85 -17.87
C TYR A 96 -6.55 -8.84 -18.37
N PHE A 97 -7.37 -9.34 -17.44
CA PHE A 97 -8.43 -10.30 -17.72
C PHE A 97 -9.78 -9.64 -17.52
N CYS A 98 -10.74 -9.98 -18.36
CA CYS A 98 -12.15 -9.70 -18.09
C CYS A 98 -12.82 -10.99 -17.61
N ALA A 99 -13.80 -10.82 -16.72
CA ALA A 99 -14.44 -11.97 -16.11
C ALA A 99 -15.94 -11.73 -15.96
N ARG A 100 -16.73 -12.70 -16.41
CA ARG A 100 -18.16 -12.67 -16.16
C ARG A 100 -18.40 -12.90 -14.67
N THR A 101 -19.03 -11.94 -14.02
CA THR A 101 -19.14 -11.91 -12.56
C THR A 101 -20.51 -12.41 -12.13
N GLY A 102 -20.51 -13.39 -11.22
CA GLY A 102 -21.73 -13.86 -10.60
C GLY A 102 -21.99 -13.16 -9.27
N LYS A 103 -23.23 -13.30 -8.80
CA LYS A 103 -23.69 -12.66 -7.57
C LYS A 103 -24.23 -13.73 -6.63
N TYR A 104 -23.82 -13.67 -5.36
CA TYR A 104 -24.23 -14.66 -4.38
C TYR A 104 -24.58 -13.98 -3.07
N TYR A 105 -25.71 -14.40 -2.49
CA TYR A 105 -26.10 -13.93 -1.16
C TYR A 105 -26.93 -15.02 -0.48
N ASP A 106 -26.42 -15.57 0.60
CA ASP A 106 -27.17 -16.54 1.39
C ASP A 106 -28.12 -15.81 2.33
N PHE A 107 -29.41 -16.14 2.23
CA PHE A 107 -30.42 -15.39 2.98
C PHE A 107 -30.21 -15.51 4.49
N TRP A 108 -29.88 -16.70 4.97
CA TRP A 108 -29.84 -16.97 6.40
C TRP A 108 -28.50 -16.64 7.06
N SER A 109 -27.39 -16.75 6.32
CA SER A 109 -26.07 -16.53 6.90
C SER A 109 -25.27 -15.44 6.18
N GLY A 110 -25.79 -14.88 5.10
CA GLY A 110 -25.05 -13.88 4.37
C GLY A 110 -25.06 -12.52 5.03
N TYR A 111 -24.28 -11.61 4.44
CA TYR A 111 -24.16 -10.24 4.92
C TYR A 111 -24.06 -9.37 3.67
N PRO A 112 -24.92 -8.35 3.53
CA PRO A 112 -24.93 -7.49 2.34
C PRO A 112 -23.61 -6.77 2.14
N PRO A 113 -23.17 -6.60 0.88
CA PRO A 113 -23.93 -6.99 -0.32
C PRO A 113 -23.57 -8.37 -0.86
N GLY A 114 -23.48 -9.38 0.00
CA GLY A 114 -23.11 -10.69 -0.49
C GLY A 114 -21.68 -10.69 -1.02
N GLU A 115 -21.41 -11.61 -1.95
CA GLU A 115 -20.09 -11.78 -2.54
C GLU A 115 -20.22 -11.90 -4.04
N GLU A 116 -19.14 -11.58 -4.75
CA GLU A 116 -19.08 -11.69 -6.20
C GLU A 116 -18.02 -12.72 -6.58
N TYR A 117 -18.37 -13.57 -7.54
CA TYR A 117 -17.47 -14.63 -8.00
C TYR A 117 -17.38 -14.58 -9.52
N PHE A 118 -16.31 -15.16 -10.05
CA PHE A 118 -15.94 -14.97 -11.45
C PHE A 118 -16.03 -16.31 -12.18
N GLN A 119 -17.15 -16.51 -12.89
CA GLN A 119 -17.46 -17.81 -13.46
C GLN A 119 -16.62 -18.08 -14.72
N ASP A 120 -16.43 -17.07 -15.56
CA ASP A 120 -15.78 -17.24 -16.84
C ASP A 120 -14.75 -16.12 -17.03
N TRP A 121 -13.60 -16.49 -17.59
CA TRP A 121 -12.49 -15.57 -17.77
C TRP A 121 -12.05 -15.57 -19.23
N GLY A 122 -11.50 -14.45 -19.67
CA GLY A 122 -10.78 -14.42 -20.94
C GLY A 122 -9.34 -14.88 -20.76
N GLN A 123 -8.63 -14.93 -21.89
CA GLN A 123 -7.23 -15.34 -21.85
C GLN A 123 -6.28 -14.22 -21.48
N GLY A 124 -6.74 -12.97 -21.47
CA GLY A 124 -5.88 -11.88 -21.01
C GLY A 124 -5.11 -11.21 -22.12
N THR A 125 -4.89 -9.90 -21.95
CA THR A 125 -4.10 -9.11 -22.87
C THR A 125 -3.01 -8.39 -22.08
N LEU A 126 -1.81 -8.35 -22.64
CA LEU A 126 -0.63 -7.84 -21.94
C LEU A 126 -0.51 -6.33 -22.16
N VAL A 127 -0.26 -5.60 -21.07
CA VAL A 127 0.00 -4.17 -21.10
C VAL A 127 1.38 -3.92 -20.50
N ILE A 128 2.21 -3.16 -21.22
CA ILE A 128 3.55 -2.83 -20.77
C ILE A 128 3.70 -1.33 -20.70
N VAL A 129 4.10 -0.82 -19.53
CA VAL A 129 4.28 0.60 -19.29
C VAL A 129 5.76 0.88 -19.18
N SER A 130 6.31 1.63 -20.14
CA SER A 130 7.73 1.92 -20.15
C SER A 130 7.99 3.17 -20.96
N SER A 131 8.85 4.05 -20.42
CA SER A 131 9.30 5.22 -21.14
C SER A 131 10.36 4.91 -22.17
N ALA A 132 10.82 3.67 -22.24
CA ALA A 132 12.02 3.34 -23.01
C ALA A 132 11.69 3.14 -24.48
N SER A 133 12.69 3.37 -25.32
CA SER A 133 12.64 3.04 -26.73
C SER A 133 13.61 1.89 -27.00
N THR A 134 13.69 1.50 -28.27
CA THR A 134 14.53 0.37 -28.65
C THR A 134 15.98 0.59 -28.25
N LYS A 135 16.53 -0.37 -27.52
CA LYS A 135 17.90 -0.25 -27.01
C LYS A 135 18.53 -1.63 -26.99
N GLY A 136 19.74 -1.73 -27.55
CA GLY A 136 20.50 -2.95 -27.50
C GLY A 136 21.08 -3.19 -26.11
N PRO A 137 21.45 -4.44 -25.83
CA PRO A 137 21.91 -4.79 -24.49
C PRO A 137 23.41 -4.58 -24.29
N SER A 138 23.77 -4.38 -23.03
CA SER A 138 25.16 -4.39 -22.57
C SER A 138 25.44 -5.75 -21.94
N VAL A 139 26.36 -6.49 -22.54
CA VAL A 139 26.67 -7.86 -22.11
C VAL A 139 27.89 -7.81 -21.22
N PHE A 140 27.76 -8.31 -19.99
CA PHE A 140 28.87 -8.36 -19.06
C PHE A 140 29.18 -9.81 -18.69
N PRO A 141 30.46 -10.17 -18.56
CA PRO A 141 30.79 -11.55 -18.21
C PRO A 141 30.60 -11.84 -16.73
N LEU A 142 30.15 -13.05 -16.43
CA LEU A 142 30.04 -13.56 -15.06
C LEU A 142 31.09 -14.65 -14.92
N ALA A 143 32.26 -14.29 -14.40
CA ALA A 143 33.41 -15.17 -14.26
C ALA A 143 33.03 -16.43 -13.49
N PRO A 144 33.67 -17.57 -13.78
CA PRO A 144 33.28 -18.82 -13.09
C PRO A 144 33.38 -18.69 -11.58
N SER A 145 32.38 -19.24 -10.90
CA SER A 145 32.30 -19.20 -9.45
C SER A 145 31.79 -20.55 -8.96
N SER A 146 32.17 -20.91 -7.74
CA SER A 146 31.85 -22.23 -7.21
C SER A 146 30.34 -22.41 -7.08
N LYS A 147 29.87 -23.59 -7.46
CA LYS A 147 28.45 -23.91 -7.39
C LYS A 147 28.15 -24.87 -6.23
N THR A 153 32.08 -28.64 -9.32
CA THR A 153 31.39 -27.92 -10.38
C THR A 153 31.40 -26.41 -10.17
N ALA A 154 31.49 -25.67 -11.27
CA ALA A 154 31.42 -24.21 -11.26
C ALA A 154 30.24 -23.75 -12.10
N ALA A 155 29.95 -22.45 -11.98
CA ALA A 155 28.93 -21.81 -12.79
C ALA A 155 29.51 -20.52 -13.36
N LEU A 156 29.28 -20.30 -14.65
CA LEU A 156 29.68 -19.07 -15.32
C LEU A 156 28.54 -18.64 -16.24
N GLY A 157 28.59 -17.40 -16.70
CA GLY A 157 27.52 -16.91 -17.54
C GLY A 157 27.75 -15.51 -18.02
N CYS A 158 26.67 -14.94 -18.58
CA CYS A 158 26.65 -13.59 -19.13
C CYS A 158 25.47 -12.82 -18.58
N LEU A 159 25.71 -11.56 -18.22
CA LEU A 159 24.65 -10.67 -17.74
C LEU A 159 24.26 -9.74 -18.89
N VAL A 160 23.02 -9.89 -19.37
CA VAL A 160 22.49 -9.14 -20.50
C VAL A 160 21.65 -8.00 -19.95
N LYS A 161 22.17 -6.77 -20.04
CA LYS A 161 21.71 -5.67 -19.21
C LYS A 161 21.12 -4.54 -20.06
N ASP A 162 20.00 -4.01 -19.57
CA ASP A 162 19.44 -2.72 -20.02
C ASP A 162 19.13 -2.73 -21.52
N TYR A 163 18.23 -3.62 -21.92
CA TYR A 163 17.76 -3.66 -23.29
C TYR A 163 16.25 -3.49 -23.33
N PHE A 164 15.75 -3.21 -24.53
CA PHE A 164 14.34 -2.99 -24.77
C PHE A 164 14.07 -2.98 -26.26
N PRO A 165 12.98 -3.65 -26.70
CA PRO A 165 12.11 -4.48 -25.86
C PRO A 165 12.47 -5.95 -25.93
N GLU A 166 11.60 -6.80 -25.41
CA GLU A 166 11.77 -8.25 -25.50
C GLU A 166 11.60 -8.72 -26.95
N PRO A 167 12.22 -9.86 -27.30
CA PRO A 167 13.06 -10.73 -26.47
C PRO A 167 14.55 -10.67 -26.77
N VAL A 168 15.31 -11.44 -25.99
CA VAL A 168 16.73 -11.65 -26.23
C VAL A 168 16.99 -13.15 -26.19
N THR A 169 17.74 -13.66 -27.17
CA THR A 169 18.17 -15.05 -27.19
C THR A 169 19.64 -15.13 -26.82
N VAL A 170 20.01 -16.15 -26.05
CA VAL A 170 21.39 -16.39 -25.66
C VAL A 170 21.74 -17.84 -25.96
N SER A 171 22.80 -18.05 -26.73
CA SER A 171 23.38 -19.36 -26.94
C SER A 171 24.82 -19.36 -26.44
N TRP A 172 25.45 -20.54 -26.48
CA TRP A 172 26.80 -20.71 -25.98
C TRP A 172 27.62 -21.50 -27.00
N ASN A 173 28.80 -20.99 -27.33
CA ASN A 173 29.68 -21.60 -28.32
C ASN A 173 28.92 -21.89 -29.62
N SER A 174 28.12 -20.91 -30.05
CA SER A 174 27.36 -20.98 -31.31
C SER A 174 26.38 -22.15 -31.32
N GLY A 175 25.80 -22.48 -30.16
CA GLY A 175 24.90 -23.61 -30.08
C GLY A 175 25.56 -24.94 -29.83
N ALA A 176 26.89 -25.02 -29.83
CA ALA A 176 27.56 -26.28 -29.61
C ALA A 176 27.52 -26.70 -28.13
N LEU A 177 27.34 -25.75 -27.23
CA LEU A 177 27.25 -26.01 -25.80
C LEU A 177 25.80 -25.82 -25.36
N THR A 178 25.12 -26.92 -25.08
CA THR A 178 23.75 -26.88 -24.59
C THR A 178 23.54 -27.63 -23.28
N SER A 179 24.46 -28.50 -22.88
CA SER A 179 24.33 -29.24 -21.63
C SER A 179 24.68 -28.33 -20.46
N GLY A 180 23.74 -28.19 -19.51
CA GLY A 180 23.95 -27.36 -18.35
C GLY A 180 23.57 -25.91 -18.51
N VAL A 181 23.06 -25.51 -19.67
CA VAL A 181 22.76 -24.12 -19.96
C VAL A 181 21.38 -23.78 -19.42
N HIS A 182 21.29 -22.63 -18.75
CA HIS A 182 20.00 -22.11 -18.30
C HIS A 182 19.96 -20.61 -18.55
N THR A 183 18.96 -20.17 -19.30
CA THR A 183 18.73 -18.75 -19.56
C THR A 183 17.49 -18.34 -18.78
N PHE A 184 17.63 -17.35 -17.92
CA PHE A 184 16.55 -16.95 -17.03
C PHE A 184 15.57 -16.01 -17.74
N PRO A 185 14.34 -15.94 -17.27
CA PRO A 185 13.41 -14.93 -17.79
C PRO A 185 13.89 -13.52 -17.47
N ALA A 186 13.57 -12.60 -18.37
CA ALA A 186 13.98 -11.22 -18.20
C ALA A 186 13.16 -10.54 -17.11
N VAL A 187 13.82 -9.68 -16.35
CA VAL A 187 13.16 -8.86 -15.33
C VAL A 187 13.04 -7.44 -15.88
N LEU A 188 11.86 -6.84 -15.72
CA LEU A 188 11.63 -5.47 -16.13
C LEU A 188 11.92 -4.54 -14.96
N GLN A 189 12.89 -3.67 -15.14
CA GLN A 189 13.31 -2.79 -14.06
C GLN A 189 12.42 -1.56 -13.99
N SER A 190 12.57 -0.81 -12.90
CA SER A 190 11.81 0.43 -12.73
C SER A 190 12.18 1.47 -13.77
N SER A 191 13.37 1.35 -14.37
CA SER A 191 13.79 2.25 -15.43
C SER A 191 13.07 1.98 -16.75
N GLY A 192 12.33 0.88 -16.84
CA GLY A 192 11.65 0.51 -18.07
C GLY A 192 12.47 -0.35 -19.01
N LEU A 193 13.68 -0.73 -18.62
CA LEU A 193 14.55 -1.59 -19.40
C LEU A 193 14.55 -3.00 -18.82
N TYR A 194 14.79 -3.98 -19.69
CA TYR A 194 14.88 -5.37 -19.29
C TYR A 194 16.31 -5.78 -19.02
N SER A 195 16.46 -6.88 -18.30
CA SER A 195 17.77 -7.50 -18.05
C SER A 195 17.55 -8.97 -17.75
N LEU A 196 18.51 -9.80 -18.16
CA LEU A 196 18.46 -11.22 -17.83
C LEU A 196 19.89 -11.74 -17.71
N SER A 197 19.98 -13.00 -17.31
CA SER A 197 21.25 -13.72 -17.19
C SER A 197 21.11 -15.09 -17.84
N SER A 198 22.18 -15.55 -18.46
CA SER A 198 22.28 -16.90 -18.97
C SER A 198 23.49 -17.56 -18.34
N VAL A 199 23.30 -18.76 -17.79
CA VAL A 199 24.32 -19.42 -16.98
C VAL A 199 24.47 -20.86 -17.45
N VAL A 200 25.70 -21.36 -17.36
CA VAL A 200 26.01 -22.76 -17.68
C VAL A 200 26.82 -23.33 -16.53
N THR A 201 26.49 -24.57 -16.15
CA THR A 201 27.22 -25.29 -15.12
C THR A 201 28.27 -26.17 -15.78
N VAL A 202 29.52 -26.00 -15.39
CA VAL A 202 30.63 -26.74 -15.97
C VAL A 202 31.49 -27.35 -14.86
N PRO A 203 32.20 -28.44 -15.12
CA PRO A 203 33.13 -28.95 -14.10
C PRO A 203 34.26 -27.96 -13.86
N SER A 204 34.70 -27.90 -12.61
CA SER A 204 35.79 -26.99 -12.25
C SER A 204 37.11 -27.37 -12.90
N SER A 205 37.26 -28.61 -13.36
CA SER A 205 38.49 -29.07 -13.99
C SER A 205 38.65 -28.58 -15.43
N SER A 206 37.66 -27.87 -15.96
CA SER A 206 37.70 -27.39 -17.35
C SER A 206 37.68 -25.87 -17.43
N LEU A 207 37.99 -25.17 -16.35
CA LEU A 207 37.93 -23.72 -16.36
C LEU A 207 39.12 -23.09 -17.05
N GLY A 208 40.28 -23.73 -17.02
CA GLY A 208 41.46 -23.25 -17.69
C GLY A 208 41.78 -23.96 -18.98
N THR A 209 40.92 -24.88 -19.41
CA THR A 209 41.16 -25.67 -20.62
C THR A 209 40.14 -25.43 -21.72
N GLN A 210 38.89 -25.12 -21.37
CA GLN A 210 37.83 -24.94 -22.37
C GLN A 210 37.38 -23.49 -22.40
N THR A 211 37.05 -23.01 -23.60
CA THR A 211 36.61 -21.64 -23.80
C THR A 211 35.08 -21.59 -23.83
N TYR A 212 34.52 -20.53 -23.25
CA TYR A 212 33.08 -20.36 -23.18
C TYR A 212 32.72 -18.99 -23.73
N ILE A 213 31.92 -18.97 -24.80
CA ILE A 213 31.49 -17.74 -25.44
C ILE A 213 29.97 -17.75 -25.46
N CYS A 214 29.37 -16.73 -24.84
CA CYS A 214 27.93 -16.54 -24.96
C CYS A 214 27.64 -15.69 -26.18
N ASN A 215 26.55 -16.04 -26.88
CA ASN A 215 26.13 -15.34 -28.09
C ASN A 215 24.77 -14.71 -27.81
N VAL A 216 24.75 -13.38 -27.71
CA VAL A 216 23.54 -12.64 -27.38
C VAL A 216 23.01 -12.02 -28.67
N ASN A 217 21.73 -12.28 -28.95
CA ASN A 217 21.08 -11.75 -30.14
C ASN A 217 19.84 -10.99 -29.70
N HIS A 218 19.79 -9.70 -30.07
CA HIS A 218 18.65 -8.83 -29.77
C HIS A 218 18.11 -8.32 -31.11
N LYS A 219 17.15 -9.06 -31.67
CA LYS A 219 16.58 -8.68 -32.96
C LYS A 219 15.86 -7.32 -32.95
N PRO A 220 15.12 -6.93 -31.91
CA PRO A 220 14.45 -5.62 -31.95
C PRO A 220 15.40 -4.46 -32.22
N SER A 221 16.66 -4.55 -31.80
CA SER A 221 17.63 -3.51 -32.07
C SER A 221 18.68 -3.93 -33.09
N ASN A 222 18.57 -5.14 -33.65
CA ASN A 222 19.52 -5.67 -34.63
C ASN A 222 20.94 -5.65 -34.07
N THR A 223 21.10 -6.20 -32.87
CA THR A 223 22.37 -6.24 -32.16
C THR A 223 22.74 -7.68 -31.87
N LYS A 224 23.98 -8.04 -32.21
CA LYS A 224 24.58 -9.32 -31.84
C LYS A 224 25.85 -9.05 -31.04
N VAL A 225 26.03 -9.80 -29.96
CA VAL A 225 27.22 -9.70 -29.13
C VAL A 225 27.75 -11.10 -28.86
N ASP A 226 29.06 -11.27 -29.00
CA ASP A 226 29.75 -12.49 -28.59
C ASP A 226 30.77 -12.14 -27.52
N LYS A 227 30.60 -12.69 -26.32
CA LYS A 227 31.43 -12.37 -25.17
C LYS A 227 32.04 -13.65 -24.62
N LYS A 228 33.35 -13.64 -24.45
CA LYS A 228 34.07 -14.78 -23.88
C LYS A 228 34.14 -14.63 -22.36
N VAL A 229 33.77 -15.67 -21.65
CA VAL A 229 33.76 -15.69 -20.19
C VAL A 229 34.97 -16.48 -19.71
N GLU A 230 35.86 -15.81 -19.00
CA GLU A 230 37.12 -16.38 -18.52
C GLU A 230 37.21 -16.27 -17.00
N PRO A 231 38.03 -17.10 -16.36
CA PRO A 231 38.32 -16.88 -14.94
C PRO A 231 39.08 -15.59 -14.73
N LYS A 232 38.95 -15.07 -13.50
CA LYS A 232 39.64 -13.84 -13.12
C LYS A 232 41.15 -13.98 -13.23
N SER B 1 -2.63 -6.05 2.67
CA SER B 1 -3.08 -7.41 2.37
C SER B 1 -4.31 -7.77 3.20
N GLU B 2 -5.49 -7.56 2.60
CA GLU B 2 -6.73 -7.88 3.31
C GLU B 2 -6.91 -9.38 3.48
N LEU B 3 -6.64 -10.15 2.42
CA LEU B 3 -6.72 -11.61 2.47
C LEU B 3 -5.32 -12.19 2.40
N THR B 4 -4.97 -13.01 3.38
CA THR B 4 -3.63 -13.60 3.50
C THR B 4 -3.69 -15.08 3.14
N GLN B 5 -2.73 -15.54 2.35
CA GLN B 5 -2.56 -16.95 2.05
C GLN B 5 -1.12 -17.35 2.30
N ASP B 6 -0.91 -18.64 2.56
CA ASP B 6 0.44 -19.17 2.58
C ASP B 6 1.02 -19.16 1.17
N PRO B 7 2.26 -18.69 0.99
CA PRO B 7 2.80 -18.62 -0.38
C PRO B 7 2.95 -19.97 -1.06
N ALA B 8 3.39 -21.00 -0.34
CA ALA B 8 3.66 -22.29 -0.96
C ALA B 8 3.28 -23.44 -0.03
N VAL B 9 2.66 -24.46 -0.61
CA VAL B 9 2.29 -25.68 0.10
C VAL B 9 2.60 -26.86 -0.82
N SER B 10 3.01 -27.98 -0.23
CA SER B 10 3.27 -29.19 -1.00
C SER B 10 2.42 -30.34 -0.48
N VAL B 11 2.03 -31.23 -1.38
CA VAL B 11 1.22 -32.40 -1.05
C VAL B 11 1.77 -33.60 -1.80
N ALA B 12 1.74 -34.75 -1.17
CA ALA B 12 2.12 -35.98 -1.85
C ALA B 12 0.98 -36.43 -2.77
N LEU B 13 1.35 -37.23 -3.78
CA LEU B 13 0.37 -37.71 -4.74
C LEU B 13 -0.66 -38.59 -4.04
N LYS B 14 -1.93 -38.34 -4.35
CA LYS B 14 -3.11 -39.06 -3.84
C LYS B 14 -3.44 -38.73 -2.38
N GLN B 15 -2.82 -37.72 -1.78
CA GLN B 15 -3.07 -37.34 -0.40
C GLN B 15 -3.87 -36.04 -0.35
N THR B 16 -4.18 -35.61 0.86
CA THR B 16 -5.08 -34.49 1.10
C THR B 16 -4.30 -33.28 1.60
N VAL B 17 -4.62 -32.11 1.04
CA VAL B 17 -3.98 -30.84 1.38
C VAL B 17 -5.06 -29.79 1.58
N THR B 18 -4.81 -28.86 2.50
CA THR B 18 -5.70 -27.75 2.77
C THR B 18 -4.97 -26.43 2.58
N ILE B 19 -5.61 -25.50 1.85
CA ILE B 19 -5.07 -24.18 1.56
C ILE B 19 -5.97 -23.16 2.23
N THR B 20 -5.40 -22.32 3.09
CA THR B 20 -6.16 -21.44 3.96
C THR B 20 -6.02 -19.98 3.51
N CYS B 21 -7.12 -19.24 3.71
CA CYS B 21 -7.22 -17.82 3.41
C CYS B 21 -7.75 -17.12 4.65
N ARG B 22 -7.12 -16.01 5.05
CA ARG B 22 -7.46 -15.35 6.30
C ARG B 22 -7.64 -13.86 6.09
N GLY B 23 -8.67 -13.30 6.72
CA GLY B 23 -8.96 -11.88 6.59
C GLY B 23 -10.20 -11.51 7.37
N ASP B 24 -10.34 -10.20 7.61
CA ASP B 24 -11.46 -9.71 8.43
C ASP B 24 -12.80 -9.95 7.74
N SER B 25 -12.87 -9.74 6.43
CA SER B 25 -14.15 -9.83 5.73
C SER B 25 -14.69 -11.26 5.69
N LEU B 26 -13.84 -12.27 5.93
CA LEU B 26 -14.29 -13.65 5.91
C LEU B 26 -15.18 -13.99 7.10
N ARG B 27 -15.16 -13.17 8.16
CA ARG B 27 -16.10 -13.36 9.25
C ARG B 27 -17.52 -12.96 8.87
N SER B 28 -17.68 -12.23 7.77
CA SER B 28 -18.99 -11.77 7.32
C SER B 28 -19.33 -12.17 5.90
N HIS B 29 -18.35 -12.54 5.08
CA HIS B 29 -18.59 -12.88 3.69
C HIS B 29 -17.94 -14.21 3.36
N TYR B 30 -18.57 -14.95 2.45
CA TYR B 30 -17.99 -16.17 1.94
C TYR B 30 -16.85 -15.85 0.97
N ALA B 31 -16.11 -16.89 0.60
CA ALA B 31 -14.99 -16.76 -0.31
C ALA B 31 -15.23 -17.61 -1.56
N SER B 32 -14.53 -17.27 -2.63
CA SER B 32 -14.47 -18.11 -3.82
C SER B 32 -13.02 -18.47 -4.08
N TRP B 33 -12.83 -19.59 -4.79
CA TRP B 33 -11.50 -20.15 -5.02
C TRP B 33 -11.26 -20.32 -6.51
N TYR B 34 -10.00 -20.13 -6.91
CA TYR B 34 -9.64 -20.13 -8.32
C TYR B 34 -8.33 -20.86 -8.52
N GLN B 35 -8.29 -21.72 -9.53
CA GLN B 35 -7.07 -22.40 -9.95
C GLN B 35 -6.48 -21.63 -11.11
N LYS B 36 -5.17 -21.41 -11.07
CA LYS B 36 -4.49 -20.58 -12.06
C LYS B 36 -3.20 -21.26 -12.50
N LYS B 37 -3.13 -21.61 -13.78
CA LYS B 37 -1.95 -22.23 -14.36
C LYS B 37 -1.27 -21.27 -15.31
N PRO B 38 0.04 -21.44 -15.54
CA PRO B 38 0.76 -20.51 -16.43
C PRO B 38 0.20 -20.55 -17.85
N GLY B 39 -0.06 -19.37 -18.40
CA GLY B 39 -0.57 -19.27 -19.75
C GLY B 39 -2.00 -19.72 -19.93
N GLN B 40 -2.76 -19.80 -18.84
CA GLN B 40 -4.16 -20.24 -18.90
C GLN B 40 -5.00 -19.33 -18.03
N ALA B 41 -6.27 -19.22 -18.39
CA ALA B 41 -7.19 -18.38 -17.63
C ALA B 41 -7.51 -19.04 -16.29
N PRO B 42 -7.83 -18.23 -15.27
CA PRO B 42 -8.25 -18.80 -13.98
C PRO B 42 -9.54 -19.60 -14.12
N VAL B 43 -9.70 -20.58 -13.23
CA VAL B 43 -10.86 -21.45 -13.21
C VAL B 43 -11.51 -21.36 -11.83
N LEU B 44 -12.77 -20.93 -11.80
CA LEU B 44 -13.52 -20.91 -10.55
C LEU B 44 -13.75 -22.34 -10.08
N LEU B 45 -13.43 -22.61 -8.82
CA LEU B 45 -13.52 -23.94 -8.23
C LEU B 45 -14.64 -24.09 -7.22
N PHE B 46 -14.91 -23.05 -6.44
CA PHE B 46 -15.82 -23.16 -5.31
C PHE B 46 -16.21 -21.74 -4.91
N TYR B 47 -17.46 -21.56 -4.49
CA TYR B 47 -17.90 -20.26 -4.01
C TYR B 47 -19.07 -20.46 -3.07
N GLY B 48 -19.38 -19.39 -2.32
CA GLY B 48 -20.54 -19.40 -1.45
C GLY B 48 -20.40 -20.34 -0.28
N LYS B 49 -21.53 -20.91 0.14
CA LYS B 49 -21.55 -21.80 1.29
C LYS B 49 -21.12 -23.21 0.91
N ASN B 50 -21.61 -23.73 -0.23
CA ASN B 50 -21.28 -25.07 -0.67
C ASN B 50 -21.57 -25.22 -2.16
N ASN B 51 -21.00 -24.34 -2.98
CA ASN B 51 -21.26 -24.33 -4.41
C ASN B 51 -19.99 -24.71 -5.17
N ARG B 52 -20.05 -25.83 -5.88
CA ARG B 52 -19.00 -26.25 -6.80
C ARG B 52 -19.56 -26.24 -8.21
N PRO B 53 -19.03 -25.41 -9.11
CA PRO B 53 -19.53 -25.41 -10.49
C PRO B 53 -19.37 -26.78 -11.14
N SER B 54 -20.26 -27.07 -12.10
CA SER B 54 -20.20 -28.34 -12.80
C SER B 54 -18.90 -28.44 -13.61
N GLY B 55 -18.45 -29.68 -13.80
CA GLY B 55 -17.22 -29.94 -14.52
C GLY B 55 -15.97 -29.92 -13.66
N ILE B 56 -16.09 -29.58 -12.39
CA ILE B 56 -14.97 -29.55 -11.47
C ILE B 56 -14.98 -30.84 -10.66
N PRO B 57 -13.86 -31.54 -10.54
CA PRO B 57 -13.84 -32.78 -9.75
C PRO B 57 -14.29 -32.53 -8.32
N ASP B 58 -14.92 -33.56 -7.74
CA ASP B 58 -15.46 -33.47 -6.39
C ASP B 58 -14.38 -33.41 -5.31
N ARG B 59 -13.12 -33.60 -5.67
CA ARG B 59 -12.05 -33.55 -4.67
C ARG B 59 -11.75 -32.12 -4.21
N PHE B 60 -12.32 -31.11 -4.87
CA PHE B 60 -12.23 -29.73 -4.42
C PHE B 60 -13.45 -29.38 -3.57
N SER B 61 -13.22 -28.80 -2.40
CA SER B 61 -14.31 -28.38 -1.54
C SER B 61 -13.84 -27.22 -0.68
N GLY B 62 -14.79 -26.37 -0.28
CA GLY B 62 -14.48 -25.19 0.50
C GLY B 62 -15.22 -25.19 1.83
N SER B 63 -14.60 -24.58 2.83
CA SER B 63 -15.17 -24.45 4.17
C SER B 63 -14.74 -23.12 4.75
N ALA B 64 -15.36 -22.76 5.88
CA ALA B 64 -15.10 -21.46 6.49
C ALA B 64 -15.45 -21.52 7.96
N SER B 65 -14.67 -20.78 8.76
CA SER B 65 -14.92 -20.68 10.19
C SER B 65 -14.14 -19.50 10.73
N GLY B 66 -14.81 -18.64 11.50
CA GLY B 66 -14.14 -17.47 12.02
C GLY B 66 -13.74 -16.54 10.90
N ASN B 67 -12.47 -16.15 10.88
CA ASN B 67 -11.91 -15.32 9.82
C ASN B 67 -11.11 -16.12 8.81
N ARG B 68 -11.33 -17.44 8.75
CA ARG B 68 -10.57 -18.31 7.88
C ARG B 68 -11.49 -18.95 6.84
N ALA B 69 -11.04 -18.96 5.60
CA ALA B 69 -11.61 -19.79 4.54
C ALA B 69 -10.57 -20.83 4.14
N SER B 70 -11.05 -22.00 3.72
CA SER B 70 -10.16 -23.10 3.42
C SER B 70 -10.61 -23.82 2.17
N LEU B 71 -9.64 -24.16 1.32
CA LEU B 71 -9.86 -25.01 0.16
C LEU B 71 -9.14 -26.32 0.39
N THR B 72 -9.87 -27.42 0.37
CA THR B 72 -9.32 -28.74 0.58
C THR B 72 -9.35 -29.52 -0.72
N ILE B 73 -8.22 -30.15 -1.06
CA ILE B 73 -8.12 -31.07 -2.20
C ILE B 73 -7.89 -32.46 -1.63
N THR B 74 -8.83 -33.36 -1.90
CA THR B 74 -8.81 -34.72 -1.35
C THR B 74 -8.25 -35.67 -2.41
N GLY B 75 -7.12 -36.29 -2.11
CA GLY B 75 -6.47 -37.15 -3.08
C GLY B 75 -5.96 -36.37 -4.27
N ALA B 76 -4.89 -35.60 -4.05
CA ALA B 76 -4.40 -34.67 -5.05
C ALA B 76 -3.80 -35.40 -6.24
N GLN B 77 -4.13 -34.92 -7.44
CA GLN B 77 -3.60 -35.45 -8.69
C GLN B 77 -2.50 -34.55 -9.23
N ALA B 78 -1.76 -35.07 -10.20
CA ALA B 78 -0.65 -34.32 -10.77
C ALA B 78 -1.11 -33.05 -11.48
N GLU B 79 -2.30 -33.07 -12.07
CA GLU B 79 -2.80 -31.87 -12.74
C GLU B 79 -3.33 -30.83 -11.77
N ASP B 80 -3.33 -31.11 -10.47
CA ASP B 80 -3.74 -30.13 -9.46
C ASP B 80 -2.62 -29.16 -9.10
N GLU B 81 -1.42 -29.34 -9.65
CA GLU B 81 -0.32 -28.42 -9.38
C GLU B 81 -0.58 -27.11 -10.11
N ALA B 82 -0.80 -26.04 -9.35
CA ALA B 82 -1.10 -24.73 -9.91
C ALA B 82 -1.05 -23.71 -8.76
N ASP B 83 -1.42 -22.47 -9.06
CA ASP B 83 -1.60 -21.45 -8.05
C ASP B 83 -3.08 -21.35 -7.70
N TYR B 84 -3.37 -21.19 -6.42
CA TYR B 84 -4.75 -21.13 -5.93
C TYR B 84 -4.98 -19.79 -5.23
N TYR B 85 -6.07 -19.12 -5.61
CA TYR B 85 -6.38 -17.79 -5.11
C TYR B 85 -7.75 -17.79 -4.44
N CYS B 86 -7.84 -17.13 -3.30
CA CYS B 86 -9.14 -16.85 -2.67
C CYS B 86 -9.56 -15.43 -3.00
N SER B 87 -10.88 -15.23 -3.04
CA SER B 87 -11.45 -13.91 -3.27
C SER B 87 -12.67 -13.72 -2.38
N SER B 88 -12.85 -12.49 -1.93
CA SER B 88 -13.98 -12.10 -1.09
C SER B 88 -14.01 -10.57 -1.07
N ARG B 89 -14.84 -10.00 -0.20
CA ARG B 89 -14.83 -8.57 0.00
C ARG B 89 -13.55 -8.13 0.71
N ASP B 90 -13.20 -6.85 0.53
CA ASP B 90 -12.04 -6.31 1.23
C ASP B 90 -12.37 -5.83 2.63
N LYS B 91 -13.59 -5.35 2.85
CA LYS B 91 -14.11 -5.02 4.18
C LYS B 91 -15.50 -5.61 4.31
N SER B 92 -16.00 -5.65 5.54
CA SER B 92 -17.35 -6.15 5.78
C SER B 92 -18.37 -5.16 5.24
N GLY B 93 -19.22 -5.62 4.33
CA GLY B 93 -20.24 -4.76 3.75
C GLY B 93 -19.78 -3.90 2.60
N SER B 94 -18.62 -4.21 2.01
CA SER B 94 -18.02 -3.40 0.97
C SER B 94 -18.50 -3.83 -0.41
N ARG B 95 -18.48 -2.89 -1.35
CA ARG B 95 -18.79 -3.17 -2.75
C ARG B 95 -17.57 -3.56 -3.56
N LEU B 96 -16.39 -3.53 -2.96
CA LEU B 96 -15.16 -3.90 -3.64
C LEU B 96 -14.85 -5.37 -3.35
N SER B 97 -14.13 -5.98 -4.28
CA SER B 97 -13.61 -7.34 -4.09
C SER B 97 -12.09 -7.30 -4.05
N VAL B 98 -11.50 -8.39 -3.58
CA VAL B 98 -10.06 -8.48 -3.42
C VAL B 98 -9.65 -9.95 -3.50
N PHE B 99 -8.41 -10.17 -3.94
CA PHE B 99 -7.85 -11.51 -4.02
C PHE B 99 -6.79 -11.69 -2.92
N GLY B 100 -6.66 -12.94 -2.48
CA GLY B 100 -5.54 -13.27 -1.61
C GLY B 100 -4.24 -13.25 -2.38
N GLY B 101 -3.14 -13.38 -1.64
CA GLY B 101 -1.82 -13.36 -2.25
C GLY B 101 -1.57 -14.51 -3.20
N GLY B 102 -2.29 -15.60 -3.06
CA GLY B 102 -2.09 -16.81 -3.85
C GLY B 102 -1.25 -17.83 -3.12
N THR B 103 -1.43 -19.10 -3.49
CA THR B 103 -0.71 -20.22 -2.90
C THR B 103 -0.24 -21.14 -4.01
N LYS B 104 1.08 -21.33 -4.09
CA LYS B 104 1.65 -22.29 -5.03
C LYS B 104 1.56 -23.70 -4.44
N LEU B 105 0.83 -24.58 -5.11
CA LEU B 105 0.69 -25.96 -4.66
C LEU B 105 1.53 -26.88 -5.54
N THR B 106 2.40 -27.67 -4.91
CA THR B 106 3.23 -28.66 -5.59
C THR B 106 2.75 -30.06 -5.24
N VAL B 107 2.39 -30.83 -6.25
CA VAL B 107 2.14 -32.25 -6.09
C VAL B 107 3.48 -32.96 -6.29
N LEU B 108 4.06 -33.46 -5.19
CA LEU B 108 5.43 -33.94 -5.20
C LEU B 108 5.62 -35.07 -6.20
N SER B 109 6.46 -34.83 -7.20
CA SER B 109 6.86 -35.85 -8.16
C SER B 109 8.35 -36.14 -8.11
N GLN B 110 9.09 -35.48 -7.24
CA GLN B 110 10.53 -35.61 -7.10
C GLN B 110 10.87 -35.55 -5.63
N PRO B 111 12.03 -36.08 -5.23
CA PRO B 111 12.51 -35.87 -3.87
C PRO B 111 12.87 -34.41 -3.65
N LYS B 112 12.76 -33.97 -2.39
CA LYS B 112 13.17 -32.61 -2.04
C LYS B 112 14.65 -32.41 -2.34
N ALA B 113 14.98 -31.24 -2.88
CA ALA B 113 16.36 -30.90 -3.23
C ALA B 113 16.67 -29.51 -2.70
N ALA B 114 17.75 -29.41 -1.91
CA ALA B 114 18.20 -28.11 -1.42
C ALA B 114 18.88 -27.32 -2.54
N PRO B 115 18.70 -26.00 -2.55
CA PRO B 115 19.30 -25.18 -3.60
C PRO B 115 20.80 -25.00 -3.41
N SER B 116 21.49 -24.93 -4.55
CA SER B 116 22.85 -24.40 -4.61
C SER B 116 22.77 -22.89 -4.77
N VAL B 117 23.70 -22.18 -4.14
CA VAL B 117 23.75 -20.72 -4.23
C VAL B 117 25.12 -20.32 -4.76
N THR B 118 25.12 -19.68 -5.94
CA THR B 118 26.32 -19.13 -6.53
C THR B 118 26.20 -17.61 -6.57
N LEU B 119 27.28 -16.92 -6.24
CA LEU B 119 27.27 -15.47 -6.14
C LEU B 119 28.34 -14.89 -7.05
N PHE B 120 27.94 -14.03 -7.98
CA PHE B 120 28.87 -13.40 -8.90
C PHE B 120 29.08 -11.95 -8.49
N PRO B 121 30.30 -11.55 -8.11
CA PRO B 121 30.56 -10.15 -7.79
C PRO B 121 30.52 -9.29 -9.04
N PRO B 122 30.48 -7.96 -8.89
CA PRO B 122 30.54 -7.09 -10.07
C PRO B 122 31.81 -7.32 -10.87
N SER B 123 31.64 -7.56 -12.16
CA SER B 123 32.79 -7.70 -13.04
C SER B 123 33.56 -6.39 -13.13
N SER B 124 34.87 -6.49 -13.33
CA SER B 124 35.68 -5.29 -13.52
C SER B 124 35.15 -4.47 -14.70
N GLU B 125 34.71 -5.14 -15.76
CA GLU B 125 34.20 -4.45 -16.92
C GLU B 125 32.99 -3.59 -16.59
N GLU B 126 32.14 -4.06 -15.66
CA GLU B 126 30.98 -3.27 -15.26
C GLU B 126 31.36 -2.15 -14.32
N LEU B 127 32.34 -2.38 -13.43
CA LEU B 127 32.77 -1.34 -12.51
C LEU B 127 33.40 -0.15 -13.24
N GLN B 128 34.01 -0.41 -14.41
CA GLN B 128 34.53 0.67 -15.25
C GLN B 128 33.42 1.43 -15.96
N ALA B 129 32.26 0.81 -16.17
CA ALA B 129 31.08 1.50 -16.65
C ALA B 129 30.33 2.23 -15.54
N ASN B 130 30.95 2.38 -14.37
CA ASN B 130 30.36 3.07 -13.22
C ASN B 130 29.07 2.38 -12.78
N LYS B 131 29.07 1.05 -12.82
CA LYS B 131 27.94 0.24 -12.37
C LYS B 131 28.45 -0.95 -11.58
N ALA B 132 27.56 -1.54 -10.80
CA ALA B 132 27.89 -2.73 -10.00
C ALA B 132 26.63 -3.55 -9.79
N THR B 133 26.70 -4.82 -10.16
CA THR B 133 25.57 -5.73 -10.00
C THR B 133 26.07 -7.03 -9.39
N LEU B 134 25.45 -7.42 -8.28
CA LEU B 134 25.67 -8.74 -7.70
C LEU B 134 24.60 -9.68 -8.23
N VAL B 135 25.04 -10.80 -8.80
CA VAL B 135 24.15 -11.79 -9.39
C VAL B 135 24.19 -13.04 -8.51
N CYS B 136 23.06 -13.39 -7.93
CA CYS B 136 22.93 -14.57 -7.09
C CYS B 136 22.20 -15.65 -7.88
N LEU B 137 22.88 -16.77 -8.12
CA LEU B 137 22.31 -17.88 -8.87
C LEU B 137 21.84 -18.95 -7.90
N ILE B 138 20.56 -19.33 -8.02
CA ILE B 138 19.93 -20.33 -7.18
C ILE B 138 19.43 -21.44 -8.08
N SER B 139 19.95 -22.66 -7.91
CA SER B 139 19.66 -23.73 -8.85
C SER B 139 19.54 -25.07 -8.15
N ASP B 140 18.84 -25.99 -8.84
CA ASP B 140 18.74 -27.40 -8.45
C ASP B 140 17.98 -27.60 -7.14
N PHE B 141 16.88 -26.87 -6.97
CA PHE B 141 16.04 -27.03 -5.79
C PHE B 141 14.65 -27.53 -6.19
N TYR B 142 14.03 -28.24 -5.26
CA TYR B 142 12.67 -28.75 -5.43
C TYR B 142 12.05 -28.95 -4.05
N PRO B 143 10.79 -28.52 -3.87
CA PRO B 143 9.95 -27.83 -4.86
C PRO B 143 10.40 -26.39 -5.14
N GLY B 144 9.83 -25.77 -6.17
CA GLY B 144 10.28 -24.48 -6.64
C GLY B 144 9.74 -23.28 -5.88
N ALA B 145 10.05 -23.19 -4.59
CA ALA B 145 9.62 -22.07 -3.76
C ALA B 145 10.76 -21.69 -2.82
N VAL B 146 11.29 -20.49 -2.99
CA VAL B 146 12.41 -20.01 -2.20
C VAL B 146 12.18 -18.56 -1.80
N THR B 147 12.75 -18.18 -0.66
CA THR B 147 12.79 -16.79 -0.22
C THR B 147 14.24 -16.32 -0.25
N VAL B 148 14.47 -15.17 -0.87
CA VAL B 148 15.81 -14.62 -1.05
C VAL B 148 15.95 -13.36 -0.23
N ALA B 149 17.02 -13.27 0.55
CA ALA B 149 17.35 -12.08 1.33
C ALA B 149 18.78 -11.69 1.05
N TRP B 150 19.04 -10.39 1.05
CA TRP B 150 20.37 -9.85 0.84
C TRP B 150 20.86 -9.14 2.09
N LYS B 151 22.15 -9.26 2.37
CA LYS B 151 22.77 -8.62 3.52
C LYS B 151 24.03 -7.88 3.07
N ALA B 152 24.19 -6.65 3.56
CA ALA B 152 25.44 -5.92 3.48
C ALA B 152 26.05 -5.96 4.88
N ASP B 153 27.18 -6.67 5.02
CA ASP B 153 27.75 -6.99 6.32
C ASP B 153 26.74 -7.76 7.16
N SER B 154 26.20 -7.12 8.19
CA SER B 154 25.18 -7.75 9.04
C SER B 154 23.83 -7.07 8.96
N SER B 155 23.68 -6.04 8.09
CA SER B 155 22.41 -5.35 7.93
C SER B 155 21.71 -5.81 6.66
N PRO B 156 20.38 -5.83 6.67
CA PRO B 156 19.65 -6.10 5.42
C PRO B 156 19.75 -4.91 4.49
N VAL B 157 19.91 -5.19 3.19
CA VAL B 157 19.99 -4.13 2.20
C VAL B 157 18.60 -3.56 1.93
N LYS B 158 18.57 -2.34 1.42
CA LYS B 158 17.31 -1.65 1.18
C LYS B 158 16.76 -1.95 -0.21
N ALA B 159 17.07 -1.08 -1.17
CA ALA B 159 16.52 -1.17 -2.51
C ALA B 159 17.51 -1.88 -3.43
N GLY B 160 17.26 -1.81 -4.73
CA GLY B 160 18.15 -2.40 -5.71
C GLY B 160 18.11 -3.90 -5.81
N VAL B 161 17.12 -4.55 -5.20
CA VAL B 161 17.00 -6.01 -5.24
C VAL B 161 15.91 -6.38 -6.24
N GLU B 162 16.25 -7.28 -7.16
CA GLU B 162 15.31 -7.86 -8.11
C GLU B 162 15.50 -9.36 -8.12
N THR B 163 14.38 -10.10 -8.12
CA THR B 163 14.42 -11.55 -8.09
C THR B 163 13.40 -12.10 -9.07
N THR B 164 13.78 -13.16 -9.79
CA THR B 164 12.91 -13.78 -10.77
C THR B 164 12.15 -14.96 -10.16
N THR B 165 10.98 -15.23 -10.72
CA THR B 165 10.20 -16.39 -10.32
C THR B 165 10.93 -17.67 -10.74
N PRO B 166 11.01 -18.67 -9.85
CA PRO B 166 11.71 -19.90 -10.20
C PRO B 166 11.12 -20.58 -11.43
N SER B 167 11.98 -21.23 -12.20
CA SER B 167 11.58 -21.89 -13.44
C SER B 167 12.29 -23.23 -13.55
N LYS B 168 11.70 -24.11 -14.34
CA LYS B 168 12.22 -25.48 -14.48
C LYS B 168 13.50 -25.50 -15.29
N GLN B 169 14.45 -26.30 -14.83
CA GLN B 169 15.67 -26.58 -15.58
C GLN B 169 15.44 -27.75 -16.52
N SER B 170 16.50 -28.25 -17.14
CA SER B 170 16.38 -29.42 -18.00
C SER B 170 16.10 -30.69 -17.21
N ASN B 171 16.53 -30.74 -15.95
CA ASN B 171 16.39 -31.92 -15.11
C ASN B 171 15.16 -31.83 -14.20
N ASN B 172 14.12 -31.12 -14.62
CA ASN B 172 12.86 -30.94 -13.91
C ASN B 172 13.01 -30.23 -12.57
N LYS B 173 14.22 -29.90 -12.14
CA LYS B 173 14.43 -29.10 -10.95
C LYS B 173 14.35 -27.61 -11.30
N TYR B 174 14.26 -26.77 -10.27
CA TYR B 174 14.02 -25.36 -10.45
C TYR B 174 15.30 -24.55 -10.30
N ALA B 175 15.33 -23.40 -10.96
CA ALA B 175 16.40 -22.43 -10.80
C ALA B 175 15.79 -21.05 -10.60
N ALA B 176 16.55 -20.16 -9.95
CA ALA B 176 16.13 -18.77 -9.78
C ALA B 176 17.37 -17.90 -9.78
N SER B 177 17.16 -16.59 -9.81
CA SER B 177 18.24 -15.63 -9.81
C SER B 177 17.78 -14.35 -9.13
N SER B 178 18.73 -13.67 -8.47
CA SER B 178 18.45 -12.42 -7.80
C SER B 178 19.58 -11.45 -8.07
N TYR B 179 19.24 -10.18 -8.22
CA TYR B 179 20.19 -9.12 -8.57
C TYR B 179 20.16 -8.03 -7.50
N LEU B 180 21.33 -7.61 -7.07
CA LEU B 180 21.49 -6.49 -6.14
C LEU B 180 22.21 -5.36 -6.86
N SER B 181 21.54 -4.24 -7.03
CA SER B 181 22.10 -3.10 -7.76
C SER B 181 22.80 -2.16 -6.80
N LEU B 182 24.08 -1.89 -7.06
CA LEU B 182 24.90 -1.04 -6.20
C LEU B 182 25.64 -0.02 -7.04
N THR B 183 25.98 1.07 -6.43
CA THR B 183 26.94 1.91 -7.10
C THR B 183 28.36 1.44 -6.75
N PRO B 184 29.38 1.72 -7.58
CA PRO B 184 30.74 1.26 -7.24
C PRO B 184 31.21 1.71 -5.87
N GLU B 185 30.83 2.91 -5.43
CA GLU B 185 31.21 3.36 -4.09
C GLU B 185 30.57 2.51 -3.01
N GLN B 186 29.30 2.16 -3.17
CA GLN B 186 28.63 1.29 -2.20
C GLN B 186 29.27 -0.09 -2.17
N TRP B 187 29.65 -0.61 -3.34
CA TRP B 187 30.20 -1.96 -3.41
C TRP B 187 31.50 -2.07 -2.62
N LYS B 188 32.39 -1.09 -2.78
CA LYS B 188 33.71 -1.14 -2.14
C LYS B 188 33.69 -0.67 -0.69
N SER B 189 32.54 -0.22 -0.17
CA SER B 189 32.47 0.37 1.16
C SER B 189 32.02 -0.61 2.23
N HIS B 190 31.55 -1.80 1.86
CA HIS B 190 31.15 -2.82 2.81
C HIS B 190 32.15 -3.95 2.83
N ARG B 191 32.26 -4.62 4.00
CA ARG B 191 33.21 -5.72 4.12
C ARG B 191 32.74 -6.96 3.36
N SER B 192 31.43 -7.16 3.23
CA SER B 192 30.94 -8.36 2.58
C SER B 192 29.48 -8.18 2.21
N TYR B 193 29.03 -9.01 1.26
CA TYR B 193 27.64 -9.09 0.85
C TYR B 193 27.22 -10.55 0.83
N SER B 194 25.99 -10.81 1.27
CA SER B 194 25.49 -12.18 1.38
C SER B 194 24.16 -12.34 0.66
N CYS B 195 23.99 -13.49 0.02
CA CYS B 195 22.73 -13.91 -0.57
C CYS B 195 22.21 -15.10 0.22
N GLN B 196 21.08 -14.92 0.90
CA GLN B 196 20.50 -15.94 1.77
C GLN B 196 19.21 -16.48 1.16
N VAL B 197 19.19 -17.78 0.87
CA VAL B 197 18.06 -18.43 0.23
C VAL B 197 17.45 -19.41 1.23
N THR B 198 16.18 -19.20 1.58
CA THR B 198 15.46 -20.09 2.48
C THR B 198 14.56 -20.99 1.66
N HIS B 199 14.72 -22.30 1.82
CA HIS B 199 13.98 -23.30 1.05
C HIS B 199 13.51 -24.40 1.98
N GLU B 200 12.19 -24.49 2.18
CA GLU B 200 11.59 -25.50 3.07
C GLU B 200 12.13 -25.38 4.49
N GLY B 201 12.22 -24.15 4.98
CA GLY B 201 12.69 -23.90 6.33
C GLY B 201 14.19 -23.91 6.51
N SER B 202 14.98 -24.26 5.49
CA SER B 202 16.43 -24.30 5.59
C SER B 202 17.04 -23.22 4.73
N THR B 203 18.01 -22.50 5.29
CA THR B 203 18.67 -21.40 4.61
C THR B 203 20.02 -21.83 4.09
N VAL B 204 20.33 -21.42 2.86
CA VAL B 204 21.65 -21.60 2.26
C VAL B 204 22.16 -20.22 1.87
N GLU B 205 23.39 -19.90 2.29
CA GLU B 205 23.94 -18.57 2.13
C GLU B 205 25.22 -18.62 1.32
N LYS B 206 25.53 -17.48 0.67
CA LYS B 206 26.79 -17.29 -0.03
C LYS B 206 27.24 -15.86 0.18
N THR B 207 28.52 -15.69 0.50
CA THR B 207 29.08 -14.39 0.86
C THR B 207 30.26 -14.08 -0.04
N VAL B 208 30.31 -12.84 -0.53
CA VAL B 208 31.43 -12.33 -1.31
C VAL B 208 32.00 -11.11 -0.61
N ALA B 209 33.28 -10.83 -0.88
CA ALA B 209 33.93 -9.66 -0.37
C ALA B 209 34.52 -8.84 -1.53
N PRO B 210 34.49 -7.51 -1.44
CA PRO B 210 35.15 -6.64 -2.41
C PRO B 210 36.67 -6.80 -2.36
N GLU C 1 13.21 13.03 33.48
CA GLU C 1 14.65 12.88 33.32
C GLU C 1 15.01 12.61 31.87
N VAL C 2 14.25 11.71 31.23
CA VAL C 2 14.48 11.39 29.82
C VAL C 2 14.05 12.55 28.96
N ARG C 3 14.97 13.03 28.11
CA ARG C 3 14.71 14.15 27.22
C ARG C 3 15.12 13.78 25.81
N LEU C 4 14.23 14.03 24.84
CA LEU C 4 14.49 13.81 23.42
C LEU C 4 14.06 15.06 22.68
N VAL C 5 14.97 15.64 21.91
CA VAL C 5 14.73 16.89 21.19
C VAL C 5 15.11 16.71 19.73
N GLU C 6 14.14 16.83 18.84
CA GLU C 6 14.39 16.79 17.41
C GLU C 6 14.68 18.19 16.89
N SER C 7 15.45 18.24 15.81
CA SER C 7 15.78 19.51 15.17
C SER C 7 16.16 19.22 13.72
N GLY C 8 16.32 20.29 12.95
CA GLY C 8 16.66 20.18 11.55
C GLY C 8 15.49 20.25 10.59
N GLY C 9 14.26 20.37 11.09
CA GLY C 9 13.13 20.48 10.22
C GLY C 9 13.09 21.79 9.46
N GLY C 10 12.31 21.80 8.38
CA GLY C 10 12.19 22.99 7.57
C GLY C 10 11.64 22.65 6.20
N LEU C 11 11.91 23.54 5.26
CA LEU C 11 11.43 23.41 3.88
C LEU C 11 12.53 22.78 3.02
N VAL C 12 12.15 21.82 2.19
CA VAL C 12 13.06 21.18 1.26
C VAL C 12 12.30 20.91 -0.04
N LYS C 13 12.94 21.17 -1.18
CA LYS C 13 12.31 20.92 -2.45
C LYS C 13 12.27 19.43 -2.76
N PRO C 14 11.32 18.99 -3.59
CA PRO C 14 11.32 17.58 -4.01
C PRO C 14 12.62 17.21 -4.71
N GLY C 15 13.14 16.03 -4.34
CA GLY C 15 14.41 15.56 -4.84
C GLY C 15 15.62 16.05 -4.07
N GLY C 16 15.42 16.93 -3.11
CA GLY C 16 16.52 17.46 -2.31
C GLY C 16 16.84 16.57 -1.13
N SER C 17 17.73 17.07 -0.28
CA SER C 17 18.20 16.33 0.89
C SER C 17 17.98 17.12 2.15
N LEU C 18 17.87 16.41 3.27
CA LEU C 18 17.64 17.01 4.57
C LEU C 18 18.10 16.04 5.64
N ARG C 19 18.70 16.58 6.71
CA ARG C 19 19.19 15.78 7.82
C ARG C 19 18.54 16.26 9.11
N LEU C 20 17.83 15.36 9.79
CA LEU C 20 17.23 15.63 11.09
C LEU C 20 18.09 15.05 12.19
N SER C 21 18.11 15.74 13.33
CA SER C 21 18.89 15.33 14.49
C SER C 21 17.96 15.11 15.68
N CYS C 22 18.43 14.31 16.62
CA CYS C 22 17.69 14.04 17.86
C CYS C 22 18.71 13.85 18.97
N SER C 23 18.86 14.86 19.82
CA SER C 23 19.74 14.78 20.97
C SER C 23 18.99 14.17 22.14
N ALA C 24 19.63 13.23 22.83
CA ALA C 24 19.03 12.46 23.90
C ALA C 24 19.79 12.68 25.20
N SER C 25 19.08 12.48 26.31
CA SER C 25 19.67 12.51 27.64
C SER C 25 18.72 11.83 28.61
N GLY C 26 19.26 11.47 29.77
CA GLY C 26 18.48 10.83 30.82
C GLY C 26 18.45 9.33 30.82
N PHE C 27 19.19 8.68 29.91
CA PHE C 27 19.20 7.22 29.84
C PHE C 27 20.47 6.78 29.13
N ASP C 28 20.79 5.49 29.28
CA ASP C 28 21.93 4.89 28.60
C ASP C 28 21.72 4.89 27.09
N PHE C 29 22.22 5.94 26.42
CA PHE C 29 21.96 6.10 25.00
C PHE C 29 22.67 5.05 24.16
N ASP C 30 23.87 4.64 24.57
CA ASP C 30 24.69 3.76 23.74
C ASP C 30 24.04 2.40 23.53
N ASN C 31 23.44 1.84 24.57
CA ASN C 31 22.83 0.52 24.48
C ASN C 31 21.38 0.55 24.04
N ALA C 32 20.81 1.74 23.85
CA ALA C 32 19.40 1.88 23.54
C ALA C 32 19.14 1.82 22.05
N TRP C 33 18.04 1.16 21.68
CA TRP C 33 17.55 1.22 20.31
C TRP C 33 16.76 2.50 20.11
N MET C 34 16.86 3.07 18.90
CA MET C 34 16.24 4.35 18.59
C MET C 34 15.48 4.24 17.28
N THR C 35 14.28 4.82 17.25
CA THR C 35 13.35 4.69 16.13
C THR C 35 12.90 6.06 15.67
N TRP C 36 12.73 6.20 14.36
CA TRP C 36 12.13 7.39 13.77
C TRP C 36 10.70 7.07 13.36
N VAL C 37 9.76 7.91 13.79
CA VAL C 37 8.35 7.79 13.45
C VAL C 37 7.88 9.13 12.93
N ARG C 38 7.12 9.11 11.83
CA ARG C 38 6.61 10.33 11.23
C ARG C 38 5.09 10.31 11.18
N GLN C 39 4.50 11.50 11.13
CA GLN C 39 3.06 11.69 11.09
C GLN C 39 2.73 12.82 10.12
N PRO C 40 2.19 12.51 8.95
CA PRO C 40 1.77 13.57 8.03
C PRO C 40 0.63 14.37 8.63
N PRO C 41 0.41 15.60 8.17
CA PRO C 41 -0.68 16.40 8.70
C PRO C 41 -2.03 15.73 8.50
N GLY C 42 -2.77 15.57 9.59
CA GLY C 42 -4.09 14.99 9.55
C GLY C 42 -4.14 13.47 9.43
N LYS C 43 -2.99 12.80 9.42
CA LYS C 43 -2.93 11.36 9.29
C LYS C 43 -2.32 10.76 10.56
N GLY C 44 -2.12 9.44 10.54
CA GLY C 44 -1.64 8.73 11.69
C GLY C 44 -0.13 8.53 11.68
N LEU C 45 0.35 7.86 12.73
CA LEU C 45 1.77 7.60 12.88
C LEU C 45 2.25 6.59 11.84
N GLU C 46 3.49 6.77 11.39
CA GLU C 46 4.09 5.85 10.42
C GLU C 46 5.52 5.53 10.87
N TRP C 47 5.82 4.24 10.93
CA TRP C 47 7.14 3.77 11.33
C TRP C 47 8.11 3.96 10.16
N VAL C 48 9.21 4.67 10.39
CA VAL C 48 10.19 4.97 9.35
C VAL C 48 11.39 4.04 9.41
N GLY C 49 11.97 3.86 10.59
CA GLY C 49 13.09 2.95 10.73
C GLY C 49 13.67 3.00 12.11
N ARG C 50 14.60 2.07 12.38
CA ARG C 50 15.15 1.89 13.71
C ARG C 50 16.58 1.39 13.61
N ILE C 51 17.45 1.93 14.46
CA ILE C 51 18.84 1.49 14.56
C ILE C 51 19.02 0.76 15.88
N THR C 52 19.72 -0.38 15.83
CA THR C 52 19.85 -1.27 16.98
C THR C 52 21.08 -0.86 17.81
N GLY C 53 21.56 -1.77 18.67
CA GLY C 53 22.65 -1.47 19.57
C GLY C 53 23.93 -2.19 19.19
N PRO C 54 24.89 -2.21 20.14
CA PRO C 54 26.19 -2.83 19.84
C PRO C 54 26.11 -4.33 19.63
N GLY C 55 25.25 -5.04 20.34
CA GLY C 55 25.10 -6.48 20.16
C GLY C 55 24.58 -6.88 18.80
N GLU C 56 23.94 -5.95 18.07
CA GLU C 56 23.44 -6.23 16.73
C GLU C 56 24.28 -5.58 15.64
N GLY C 57 25.46 -5.08 15.98
CA GLY C 57 26.29 -4.40 14.99
C GLY C 57 25.67 -3.13 14.46
N TRP C 58 24.84 -2.45 15.25
CA TRP C 58 24.22 -1.18 14.85
C TRP C 58 23.46 -1.32 13.54
N SER C 59 22.86 -2.48 13.30
CA SER C 59 22.11 -2.69 12.08
C SER C 59 20.83 -1.85 12.07
N VAL C 60 20.36 -1.51 10.88
CA VAL C 60 19.21 -0.63 10.71
C VAL C 60 18.18 -1.31 9.83
N ASP C 61 16.90 -1.04 10.11
CA ASP C 61 15.79 -1.50 9.30
C ASP C 61 14.93 -0.30 8.90
N TYR C 62 14.42 -0.32 7.68
CA TYR C 62 13.63 0.78 7.14
C TYR C 62 12.30 0.26 6.63
N ALA C 63 11.32 1.16 6.58
CA ALA C 63 10.04 0.82 5.98
C ALA C 63 10.17 0.69 4.47
N GLU C 64 9.31 -0.14 3.88
CA GLU C 64 9.39 -0.40 2.44
C GLU C 64 9.25 0.87 1.62
N SER C 65 8.29 1.73 1.97
CA SER C 65 8.06 2.97 1.21
C SER C 65 9.13 4.04 1.45
N VAL C 66 10.23 3.67 2.11
CA VAL C 66 11.24 4.63 2.55
C VAL C 66 12.61 4.13 2.13
N LYS C 67 12.74 2.80 1.99
CA LYS C 67 14.03 2.18 1.71
C LYS C 67 14.72 2.80 0.50
N GLY C 68 16.04 2.89 0.58
CA GLY C 68 16.84 3.46 -0.47
C GLY C 68 17.02 4.95 -0.42
N ARG C 69 16.14 5.67 0.29
CA ARG C 69 16.17 7.12 0.30
C ARG C 69 16.54 7.71 1.66
N PHE C 70 16.23 7.03 2.75
CA PHE C 70 16.56 7.50 4.08
C PHE C 70 17.73 6.69 4.64
N THR C 71 18.54 7.34 5.49
CA THR C 71 19.66 6.68 6.16
C THR C 71 19.63 7.09 7.62
N ILE C 72 19.61 6.10 8.51
CA ILE C 72 19.58 6.32 9.95
C ILE C 72 20.95 5.99 10.52
N SER C 73 21.51 6.92 11.28
CA SER C 73 22.80 6.73 11.93
C SER C 73 22.74 7.30 13.34
N ARG C 74 23.83 7.09 14.08
CA ARG C 74 23.89 7.58 15.45
C ARG C 74 25.32 7.96 15.79
N ASP C 75 25.47 8.93 16.68
CA ASP C 75 26.77 9.38 17.14
C ASP C 75 26.77 9.25 18.67
N ASN C 76 27.30 8.12 19.15
CA ASN C 76 27.28 7.83 20.58
C ASN C 76 28.23 8.72 21.38
N THR C 77 29.15 9.44 20.73
CA THR C 77 29.97 10.42 21.43
C THR C 77 29.26 11.75 21.60
N LYS C 78 28.15 11.97 20.90
CA LYS C 78 27.38 13.20 21.05
C LYS C 78 25.93 12.94 21.44
N ASN C 79 25.56 11.68 21.66
CA ASN C 79 24.21 11.30 22.10
C ASN C 79 23.15 11.86 21.15
N THR C 80 23.37 11.67 19.86
CA THR C 80 22.49 12.20 18.84
C THR C 80 22.11 11.11 17.86
N LEU C 81 20.84 11.07 17.50
CA LEU C 81 20.31 10.22 16.45
C LEU C 81 20.14 11.06 15.19
N TYR C 82 20.40 10.43 14.03
CA TYR C 82 20.34 11.14 12.76
C TYR C 82 19.40 10.44 11.80
N LEU C 83 18.78 11.23 10.93
CA LEU C 83 17.95 10.73 9.84
C LEU C 83 18.26 11.59 8.61
N GLU C 84 19.03 11.03 7.69
CA GLU C 84 19.33 11.69 6.43
C GLU C 84 18.24 11.31 5.42
N MET C 85 17.54 12.31 4.90
CA MET C 85 16.50 12.10 3.92
C MET C 85 17.02 12.54 2.55
N ASN C 86 16.97 11.64 1.58
CA ASN C 86 17.45 11.90 0.23
C ASN C 86 16.32 11.62 -0.75
N ASN C 87 16.36 12.30 -1.89
CA ASN C 87 15.32 12.20 -2.91
C ASN C 87 13.94 12.41 -2.29
N VAL C 88 13.85 13.45 -1.45
CA VAL C 88 12.64 13.65 -0.66
C VAL C 88 11.45 13.87 -1.58
N ARG C 89 10.30 13.34 -1.17
CA ARG C 89 9.06 13.42 -1.94
C ARG C 89 8.02 14.16 -1.14
N THR C 90 6.92 14.52 -1.81
CA THR C 90 5.85 15.24 -1.14
C THR C 90 5.19 14.39 -0.06
N GLU C 91 5.19 13.05 -0.23
CA GLU C 91 4.64 12.18 0.80
C GLU C 91 5.50 12.15 2.05
N ASP C 92 6.75 12.62 1.97
CA ASP C 92 7.62 12.70 3.14
C ASP C 92 7.31 13.88 4.04
N THR C 93 6.34 14.72 3.66
CA THR C 93 5.96 15.85 4.49
C THR C 93 5.27 15.37 5.76
N GLY C 94 5.66 15.92 6.89
CA GLY C 94 5.02 15.60 8.16
C GLY C 94 5.93 15.93 9.33
N TYR C 95 5.49 15.52 10.51
CA TYR C 95 6.23 15.71 11.75
C TYR C 95 7.01 14.43 12.07
N TYR C 96 8.30 14.57 12.31
CA TYR C 96 9.18 13.44 12.55
C TYR C 96 9.55 13.38 14.03
N PHE C 97 9.31 12.22 14.64
CA PHE C 97 9.59 11.96 16.05
C PHE C 97 10.69 10.92 16.17
N CYS C 98 11.60 11.13 17.13
CA CYS C 98 12.50 10.07 17.56
C CYS C 98 11.96 9.44 18.84
N ALA C 99 12.19 8.13 18.97
CA ALA C 99 11.62 7.39 20.09
C ALA C 99 12.63 6.38 20.62
N ARG C 100 12.86 6.43 21.93
CA ARG C 100 13.63 5.39 22.59
C ARG C 100 12.84 4.08 22.53
N THR C 101 13.44 3.06 21.95
CA THR C 101 12.75 1.82 21.62
C THR C 101 13.13 0.72 22.60
N GLY C 102 12.11 0.11 23.20
CA GLY C 102 12.31 -1.05 24.05
C GLY C 102 12.14 -2.35 23.29
N LYS C 103 12.61 -3.43 23.90
CA LYS C 103 12.60 -4.76 23.31
C LYS C 103 11.91 -5.73 24.26
N TYR C 104 10.90 -6.42 23.74
CA TYR C 104 10.09 -7.34 24.54
C TYR C 104 10.03 -8.70 23.85
N TYR C 105 10.10 -9.76 24.65
CA TYR C 105 9.92 -11.11 24.15
C TYR C 105 9.46 -11.99 25.30
N ASP C 106 8.29 -12.61 25.14
CA ASP C 106 7.79 -13.55 26.14
C ASP C 106 8.34 -14.93 25.84
N PHE C 107 8.99 -15.54 26.84
CA PHE C 107 9.66 -16.82 26.63
C PHE C 107 8.66 -17.90 26.22
N TRP C 108 7.55 -18.02 26.95
CA TRP C 108 6.65 -19.14 26.74
C TRP C 108 5.71 -18.96 25.55
N SER C 109 5.35 -17.71 25.23
CA SER C 109 4.38 -17.47 24.17
C SER C 109 4.89 -16.59 23.04
N GLY C 110 6.06 -15.99 23.17
CA GLY C 110 6.55 -15.08 22.16
C GLY C 110 6.94 -15.79 20.88
N TYR C 111 7.23 -14.97 19.87
CA TYR C 111 7.70 -15.44 18.57
C TYR C 111 8.79 -14.48 18.14
N PRO C 112 9.98 -14.99 17.78
CA PRO C 112 11.11 -14.14 17.39
C PRO C 112 10.81 -13.30 16.15
N PRO C 113 11.32 -12.07 16.10
CA PRO C 113 12.17 -11.46 17.12
C PRO C 113 11.42 -10.63 18.16
N GLY C 114 10.34 -11.16 18.73
CA GLY C 114 9.61 -10.39 19.71
C GLY C 114 9.03 -9.12 19.11
N GLU C 115 8.82 -8.13 19.96
CA GLU C 115 8.21 -6.86 19.56
C GLU C 115 9.05 -5.69 20.05
N GLU C 116 8.91 -4.57 19.36
CA GLU C 116 9.56 -3.32 19.74
C GLU C 116 8.50 -2.30 20.13
N TYR C 117 8.69 -1.67 21.28
CA TYR C 117 7.80 -0.63 21.78
C TYR C 117 8.61 0.64 22.05
N PHE C 118 7.89 1.74 22.23
CA PHE C 118 8.50 3.07 22.25
C PHE C 118 8.16 3.76 23.58
N GLN C 119 9.13 3.76 24.50
CA GLN C 119 8.91 4.26 25.85
C GLN C 119 8.87 5.78 25.92
N ASP C 120 9.72 6.45 25.14
CA ASP C 120 9.87 7.89 25.25
C ASP C 120 9.95 8.52 23.86
N TRP C 121 9.24 9.63 23.68
CA TRP C 121 9.17 10.33 22.41
C TRP C 121 9.63 11.77 22.58
N GLY C 122 10.21 12.31 21.51
CA GLY C 122 10.46 13.74 21.43
C GLY C 122 9.19 14.49 21.04
N GLN C 123 9.32 15.81 20.98
CA GLN C 123 8.18 16.64 20.56
C GLN C 123 8.02 16.72 19.05
N GLY C 124 9.00 16.25 18.29
CA GLY C 124 8.86 16.20 16.84
C GLY C 124 9.30 17.48 16.16
N THR C 125 9.77 17.34 14.93
CA THR C 125 10.14 18.48 14.11
C THR C 125 9.42 18.37 12.77
N LEU C 126 8.99 19.51 12.24
CA LEU C 126 8.14 19.56 11.05
C LEU C 126 8.99 19.65 9.79
N VAL C 127 8.68 18.79 8.81
CA VAL C 127 9.33 18.81 7.50
C VAL C 127 8.27 19.08 6.45
N ILE C 128 8.49 20.11 5.64
CA ILE C 128 7.59 20.47 4.55
C ILE C 128 8.34 20.30 3.24
N VAL C 129 7.82 19.43 2.37
CA VAL C 129 8.41 19.20 1.06
C VAL C 129 7.55 19.94 0.04
N SER C 130 8.14 20.97 -0.58
CA SER C 130 7.42 21.77 -1.55
C SER C 130 8.41 22.45 -2.48
N SER C 131 8.08 22.48 -3.77
CA SER C 131 8.89 23.17 -4.76
C SER C 131 8.54 24.65 -4.86
N ALA C 132 7.72 25.17 -3.94
CA ALA C 132 7.18 26.50 -4.10
C ALA C 132 8.04 27.56 -3.44
N SER C 133 7.88 28.79 -3.89
CA SER C 133 8.43 30.00 -3.29
C SER C 133 7.28 30.85 -2.77
N THR C 134 7.64 32.00 -2.19
CA THR C 134 6.64 32.88 -1.60
C THR C 134 5.63 33.33 -2.65
N LYS C 135 4.35 33.20 -2.32
CA LYS C 135 3.28 33.50 -3.27
C LYS C 135 2.06 33.98 -2.52
N GLY C 136 1.55 35.15 -2.91
CA GLY C 136 0.33 35.66 -2.34
C GLY C 136 -0.88 34.87 -2.79
N PRO C 137 -1.99 34.98 -2.08
CA PRO C 137 -3.18 34.19 -2.41
C PRO C 137 -4.09 34.87 -3.42
N SER C 138 -4.86 34.03 -4.10
CA SER C 138 -6.00 34.46 -4.92
C SER C 138 -7.26 34.27 -4.11
N VAL C 139 -8.04 35.34 -3.93
CA VAL C 139 -9.21 35.31 -3.07
C VAL C 139 -10.46 35.28 -3.95
N PHE C 140 -11.27 34.24 -3.77
CA PHE C 140 -12.51 34.12 -4.53
C PHE C 140 -13.69 34.11 -3.58
N PRO C 141 -14.78 34.81 -3.93
CA PRO C 141 -15.93 34.87 -3.02
C PRO C 141 -16.76 33.58 -3.06
N LEU C 142 -17.29 33.21 -1.91
CA LEU C 142 -18.24 32.10 -1.78
C LEU C 142 -19.61 32.71 -1.49
N ALA C 143 -20.38 32.95 -2.54
CA ALA C 143 -21.70 33.56 -2.46
C ALA C 143 -22.60 32.78 -1.50
N PRO C 144 -23.50 33.47 -0.78
CA PRO C 144 -24.33 32.76 0.20
C PRO C 144 -25.15 31.66 -0.43
N SER C 145 -25.11 30.48 0.18
CA SER C 145 -25.95 29.37 -0.21
C SER C 145 -26.60 28.78 1.03
N SER C 146 -27.72 28.10 0.81
CA SER C 146 -28.54 27.63 1.92
C SER C 146 -27.77 26.64 2.78
N LYS C 147 -28.04 26.68 4.08
CA LYS C 147 -27.40 25.77 5.01
C LYS C 147 -28.30 24.58 5.30
N THR C 153 -31.06 30.15 7.83
CA THR C 153 -29.61 30.19 7.99
C THR C 153 -28.88 30.00 6.66
N ALA C 154 -27.99 30.93 6.35
CA ALA C 154 -27.16 30.85 5.15
C ALA C 154 -25.69 30.86 5.53
N ALA C 155 -24.85 30.47 4.58
CA ALA C 155 -23.41 30.46 4.79
C ALA C 155 -22.73 31.13 3.59
N LEU C 156 -21.82 32.06 3.87
CA LEU C 156 -21.01 32.69 2.86
C LEU C 156 -19.57 32.72 3.33
N GLY C 157 -18.65 33.02 2.43
CA GLY C 157 -17.25 33.07 2.83
C GLY C 157 -16.32 33.45 1.70
N CYS C 158 -15.03 33.19 1.94
CA CYS C 158 -13.95 33.53 1.03
C CYS C 158 -13.05 32.31 0.84
N LEU C 159 -12.71 32.02 -0.41
CA LEU C 159 -11.79 30.94 -0.75
C LEU C 159 -10.41 31.56 -0.96
N VAL C 160 -9.47 31.21 -0.09
CA VAL C 160 -8.10 31.73 -0.13
C VAL C 160 -7.22 30.67 -0.76
N LYS C 161 -6.72 30.94 -1.96
CA LYS C 161 -6.26 29.90 -2.86
C LYS C 161 -4.80 30.09 -3.27
N ASP C 162 -4.05 28.98 -3.27
CA ASP C 162 -2.74 28.87 -3.90
C ASP C 162 -1.76 29.92 -3.36
N TYR C 163 -1.48 29.83 -2.08
CA TYR C 163 -0.50 30.69 -1.45
C TYR C 163 0.61 29.85 -0.81
N PHE C 164 1.71 30.53 -0.48
CA PHE C 164 2.85 29.88 0.13
C PHE C 164 3.81 30.92 0.70
N PRO C 165 4.31 30.70 1.92
CA PRO C 165 3.89 29.60 2.80
C PRO C 165 2.90 30.05 3.84
N GLU C 166 2.68 29.22 4.87
CA GLU C 166 1.85 29.59 6.01
C GLU C 166 2.44 30.79 6.74
N PRO C 167 1.59 31.57 7.44
CA PRO C 167 0.14 31.43 7.52
C PRO C 167 -0.64 32.53 6.82
N VAL C 168 -1.97 32.38 6.81
CA VAL C 168 -2.88 33.41 6.33
C VAL C 168 -3.88 33.69 7.44
N THR C 169 -4.13 34.97 7.70
CA THR C 169 -5.20 35.37 8.61
C THR C 169 -6.36 35.92 7.80
N VAL C 170 -7.58 35.56 8.21
CA VAL C 170 -8.80 36.08 7.59
C VAL C 170 -9.68 36.64 8.69
N SER C 171 -10.13 37.88 8.51
CA SER C 171 -11.12 38.50 9.38
C SER C 171 -12.25 39.03 8.52
N TRP C 172 -13.34 39.44 9.17
CA TRP C 172 -14.54 39.89 8.47
C TRP C 172 -14.94 41.26 8.98
N ASN C 173 -15.17 42.18 8.04
CA ASN C 173 -15.58 43.55 8.34
C ASN C 173 -14.58 44.22 9.31
N SER C 174 -13.29 44.03 9.01
CA SER C 174 -12.20 44.61 9.80
C SER C 174 -12.25 44.17 11.26
N GLY C 175 -12.71 42.93 11.51
CA GLY C 175 -12.81 42.41 12.84
C GLY C 175 -14.12 42.71 13.55
N ALA C 176 -14.99 43.54 12.97
CA ALA C 176 -16.26 43.84 13.61
C ALA C 176 -17.20 42.64 13.60
N LEU C 177 -17.07 41.78 12.60
CA LEU C 177 -17.90 40.58 12.48
C LEU C 177 -17.10 39.39 13.01
N THR C 178 -17.53 38.85 14.14
CA THR C 178 -16.89 37.66 14.71
C THR C 178 -17.88 36.56 15.07
N SER C 179 -19.16 36.87 15.25
CA SER C 179 -20.15 35.87 15.60
C SER C 179 -20.47 35.02 14.38
N GLY C 180 -20.25 33.71 14.49
CA GLY C 180 -20.54 32.78 13.43
C GLY C 180 -19.42 32.55 12.43
N VAL C 181 -18.22 33.02 12.70
CA VAL C 181 -17.11 32.92 11.76
C VAL C 181 -16.28 31.68 12.10
N HIS C 182 -15.94 30.91 11.06
CA HIS C 182 -15.04 29.77 11.19
C HIS C 182 -14.02 29.82 10.05
N THR C 183 -12.75 29.98 10.40
CA THR C 183 -11.66 29.87 9.44
C THR C 183 -11.07 28.48 9.53
N PHE C 184 -11.01 27.78 8.39
CA PHE C 184 -10.55 26.41 8.37
C PHE C 184 -9.03 26.33 8.30
N PRO C 185 -8.44 25.23 8.76
CA PRO C 185 -7.00 25.04 8.58
C PRO C 185 -6.65 24.87 7.11
N ALA C 186 -5.44 25.31 6.77
CA ALA C 186 -4.99 25.24 5.38
C ALA C 186 -4.70 23.80 4.97
N VAL C 187 -5.01 23.48 3.73
CA VAL C 187 -4.69 22.19 3.14
C VAL C 187 -3.51 22.38 2.20
N LEU C 188 -2.52 21.48 2.30
CA LEU C 188 -1.36 21.52 1.43
C LEU C 188 -1.65 20.63 0.23
N GLN C 189 -1.67 21.23 -0.96
CA GLN C 189 -1.99 20.51 -2.17
C GLN C 189 -0.74 19.83 -2.73
N SER C 190 -0.95 18.94 -3.71
CA SER C 190 0.18 18.28 -4.36
C SER C 190 1.03 19.25 -5.17
N SER C 191 0.48 20.40 -5.55
CA SER C 191 1.24 21.42 -6.25
C SER C 191 2.22 22.16 -5.35
N GLY C 192 2.21 21.88 -4.04
CA GLY C 192 3.09 22.56 -3.13
C GLY C 192 2.56 23.88 -2.59
N LEU C 193 1.32 24.24 -2.92
CA LEU C 193 0.70 25.47 -2.47
C LEU C 193 -0.42 25.17 -1.49
N TYR C 194 -0.69 26.12 -0.60
CA TYR C 194 -1.72 25.97 0.41
C TYR C 194 -3.03 26.61 -0.07
N SER C 195 -4.12 26.23 0.59
CA SER C 195 -5.43 26.80 0.33
C SER C 195 -6.30 26.61 1.57
N LEU C 196 -7.17 27.58 1.82
CA LEU C 196 -8.13 27.46 2.91
C LEU C 196 -9.37 28.27 2.58
N SER C 197 -10.38 28.16 3.46
CA SER C 197 -11.62 28.89 3.36
C SER C 197 -11.99 29.46 4.71
N SER C 198 -12.63 30.63 4.69
CA SER C 198 -13.18 31.25 5.88
C SER C 198 -14.66 31.48 5.64
N VAL C 199 -15.50 30.96 6.52
CA VAL C 199 -16.94 30.98 6.34
C VAL C 199 -17.59 31.62 7.57
N VAL C 200 -18.70 32.31 7.34
CA VAL C 200 -19.50 32.88 8.42
C VAL C 200 -20.96 32.51 8.16
N THR C 201 -21.64 32.05 9.22
CA THR C 201 -23.06 31.72 9.13
C THR C 201 -23.89 32.94 9.48
N VAL C 202 -24.86 33.25 8.62
CA VAL C 202 -25.70 34.44 8.78
C VAL C 202 -27.13 34.07 8.49
N PRO C 203 -28.08 34.80 9.08
CA PRO C 203 -29.49 34.58 8.76
C PRO C 203 -29.76 34.90 7.30
N SER C 204 -30.65 34.12 6.69
CA SER C 204 -31.01 34.36 5.30
C SER C 204 -31.76 35.67 5.12
N SER C 205 -32.32 36.24 6.19
CA SER C 205 -33.05 37.49 6.10
C SER C 205 -32.14 38.71 6.07
N SER C 206 -30.82 38.52 6.02
CA SER C 206 -29.89 39.64 5.98
C SER C 206 -28.88 39.50 4.84
N LEU C 207 -29.23 38.75 3.79
CA LEU C 207 -28.29 38.55 2.70
C LEU C 207 -28.24 39.75 1.76
N GLY C 208 -29.29 40.55 1.69
CA GLY C 208 -29.29 41.70 0.82
C GLY C 208 -29.32 43.00 1.59
N THR C 209 -29.25 42.91 2.91
CA THR C 209 -29.34 44.09 3.77
C THR C 209 -28.04 44.40 4.51
N GLN C 210 -27.09 43.47 4.56
CA GLN C 210 -25.84 43.66 5.27
C GLN C 210 -24.68 43.27 4.35
N THR C 211 -23.57 44.00 4.45
CA THR C 211 -22.39 43.77 3.63
C THR C 211 -21.36 42.94 4.39
N TYR C 212 -20.77 41.97 3.71
CA TYR C 212 -19.79 41.06 4.30
C TYR C 212 -18.49 41.14 3.49
N ILE C 213 -17.46 41.71 4.10
CA ILE C 213 -16.15 41.87 3.48
C ILE C 213 -15.14 41.05 4.26
N CYS C 214 -14.47 40.12 3.59
CA CYS C 214 -13.39 39.37 4.23
C CYS C 214 -12.06 40.05 3.97
N ASN C 215 -11.24 40.09 5.00
CA ASN C 215 -9.92 40.73 4.94
C ASN C 215 -8.87 39.63 5.06
N VAL C 216 -8.20 39.32 3.95
CA VAL C 216 -7.18 38.28 3.91
C VAL C 216 -5.81 38.95 4.05
N ASN C 217 -5.00 38.44 4.97
CA ASN C 217 -3.67 38.98 5.22
C ASN C 217 -2.65 37.86 5.11
N HIS C 218 -1.68 38.02 4.22
CA HIS C 218 -0.62 37.04 4.00
C HIS C 218 0.72 37.76 4.19
N LYS C 219 1.20 37.78 5.45
CA LYS C 219 2.46 38.48 5.74
C LYS C 219 3.68 37.89 5.02
N PRO C 220 3.81 36.58 4.80
CA PRO C 220 4.98 36.09 4.06
C PRO C 220 5.19 36.76 2.71
N SER C 221 4.12 37.08 1.98
CA SER C 221 4.23 37.79 0.72
C SER C 221 3.90 39.27 0.83
N ASN C 222 3.55 39.74 2.03
CA ASN C 222 3.15 41.14 2.25
C ASN C 222 1.97 41.51 1.35
N THR C 223 0.93 40.68 1.40
CA THR C 223 -0.25 40.83 0.56
C THR C 223 -1.49 40.93 1.43
N LYS C 224 -2.28 41.98 1.21
CA LYS C 224 -3.58 42.16 1.84
C LYS C 224 -4.65 42.20 0.77
N VAL C 225 -5.76 41.49 1.01
CA VAL C 225 -6.89 41.46 0.09
C VAL C 225 -8.16 41.72 0.89
N ASP C 226 -9.00 42.62 0.40
CA ASP C 226 -10.33 42.89 0.95
C ASP C 226 -11.37 42.62 -0.13
N LYS C 227 -12.22 41.64 0.10
CA LYS C 227 -13.19 41.21 -0.91
C LYS C 227 -14.57 41.13 -0.29
N LYS C 228 -15.54 41.77 -0.94
CA LYS C 228 -16.93 41.75 -0.51
C LYS C 228 -17.64 40.54 -1.11
N VAL C 229 -18.40 39.84 -0.29
CA VAL C 229 -19.14 38.65 -0.71
C VAL C 229 -20.61 39.02 -0.78
N GLU C 230 -21.18 38.90 -1.97
CA GLU C 230 -22.55 39.27 -2.27
C GLU C 230 -23.32 38.09 -2.85
N PRO C 231 -24.65 38.11 -2.78
CA PRO C 231 -25.44 37.11 -3.50
C PRO C 231 -25.24 37.22 -4.99
N LYS C 232 -25.53 36.12 -5.69
CA LYS C 232 -25.40 36.06 -7.14
C LYS C 232 -26.34 37.04 -7.84
N SER D 1 -2.07 -1.70 4.76
CA SER D 1 -2.56 -1.60 6.13
C SER D 1 -2.53 -2.97 6.82
N GLU D 2 -1.38 -3.34 7.38
CA GLU D 2 -1.27 -4.60 8.07
C GLU D 2 -2.09 -4.61 9.36
N LEU D 3 -2.19 -3.46 10.03
CA LEU D 3 -2.90 -3.34 11.30
C LEU D 3 -4.09 -2.41 11.12
N THR D 4 -5.29 -2.94 11.33
CA THR D 4 -6.54 -2.23 11.09
C THR D 4 -7.18 -1.84 12.42
N GLN D 5 -7.62 -0.60 12.50
CA GLN D 5 -8.37 -0.10 13.64
C GLN D 5 -9.66 0.56 13.17
N ASP D 6 -10.64 0.63 14.06
CA ASP D 6 -11.83 1.43 13.78
C ASP D 6 -11.44 2.90 13.76
N PRO D 7 -11.89 3.68 12.78
CA PRO D 7 -11.46 5.08 12.72
C PRO D 7 -11.94 5.92 13.89
N ALA D 8 -13.14 5.66 14.42
CA ALA D 8 -13.69 6.47 15.48
C ALA D 8 -14.57 5.63 16.41
N VAL D 9 -14.40 5.83 17.72
CA VAL D 9 -15.23 5.20 18.73
C VAL D 9 -15.60 6.27 19.77
N SER D 10 -16.79 6.12 20.34
CA SER D 10 -17.26 7.05 21.37
C SER D 10 -17.68 6.28 22.62
N VAL D 11 -17.53 6.93 23.77
CA VAL D 11 -17.87 6.33 25.06
C VAL D 11 -18.48 7.41 25.95
N ALA D 12 -19.47 7.03 26.74
CA ALA D 12 -20.04 7.96 27.69
C ALA D 12 -19.07 8.15 28.87
N LEU D 13 -19.23 9.30 29.54
CA LEU D 13 -18.37 9.61 30.68
C LEU D 13 -18.53 8.54 31.76
N LYS D 14 -17.41 8.17 32.37
CA LYS D 14 -17.31 7.18 33.45
C LYS D 14 -17.66 5.77 33.00
N GLN D 15 -17.77 5.52 31.71
CA GLN D 15 -18.12 4.19 31.21
C GLN D 15 -16.89 3.54 30.56
N THR D 16 -17.09 2.33 30.07
CA THR D 16 -16.00 1.48 29.58
C THR D 16 -16.07 1.35 28.07
N VAL D 17 -14.91 1.44 27.42
CA VAL D 17 -14.81 1.33 25.98
C VAL D 17 -13.63 0.42 25.64
N THR D 18 -13.77 -0.35 24.57
CA THR D 18 -12.72 -1.20 24.05
C THR D 18 -12.42 -0.82 22.61
N ILE D 19 -11.14 -0.55 22.33
CA ILE D 19 -10.66 -0.29 20.97
C ILE D 19 -9.84 -1.49 20.52
N THR D 20 -10.07 -1.94 19.30
CA THR D 20 -9.49 -3.19 18.81
C THR D 20 -8.51 -2.92 17.67
N CYS D 21 -7.44 -3.71 17.66
CA CYS D 21 -6.46 -3.73 16.59
C CYS D 21 -6.49 -5.12 15.96
N ARG D 22 -6.46 -5.19 14.64
CA ARG D 22 -6.53 -6.47 13.95
C ARG D 22 -5.44 -6.54 12.89
N GLY D 23 -4.86 -7.73 12.74
CA GLY D 23 -3.79 -7.95 11.79
C GLY D 23 -3.25 -9.36 11.84
N ASP D 24 -2.76 -9.85 10.70
CA ASP D 24 -2.26 -11.22 10.65
C ASP D 24 -1.05 -11.42 11.57
N SER D 25 -0.23 -10.39 11.76
CA SER D 25 0.95 -10.54 12.60
C SER D 25 0.60 -10.68 14.07
N LEU D 26 -0.59 -10.23 14.48
CA LEU D 26 -0.98 -10.33 15.89
C LEU D 26 -1.19 -11.77 16.32
N ARG D 27 -1.31 -12.70 15.37
CA ARG D 27 -1.36 -14.11 15.72
C ARG D 27 -0.06 -14.61 16.32
N SER D 28 1.06 -13.91 16.05
CA SER D 28 2.36 -14.33 16.54
C SER D 28 3.04 -13.29 17.42
N HIS D 29 2.62 -12.03 17.38
CA HIS D 29 3.31 -10.95 18.08
C HIS D 29 2.33 -10.15 18.90
N TYR D 30 2.78 -9.71 20.07
CA TYR D 30 1.99 -8.81 20.90
C TYR D 30 1.96 -7.41 20.30
N ALA D 31 1.08 -6.57 20.83
CA ALA D 31 0.93 -5.20 20.38
C ALA D 31 1.22 -4.25 21.52
N SER D 32 1.65 -3.03 21.17
CA SER D 32 1.76 -1.94 22.10
C SER D 32 0.77 -0.84 21.72
N TRP D 33 0.36 -0.06 22.71
CA TRP D 33 -0.67 0.95 22.54
C TRP D 33 -0.12 2.31 22.92
N TYR D 34 -0.63 3.35 22.23
CA TYR D 34 -0.10 4.70 22.38
C TYR D 34 -1.24 5.70 22.33
N GLN D 35 -1.22 6.63 23.27
CA GLN D 35 -2.14 7.76 23.29
C GLN D 35 -1.49 8.95 22.62
N LYS D 36 -2.24 9.64 21.77
CA LYS D 36 -1.71 10.75 20.98
C LYS D 36 -2.70 11.90 21.03
N LYS D 37 -2.26 13.04 21.54
CA LYS D 37 -3.06 14.25 21.61
C LYS D 37 -2.46 15.33 20.69
N PRO D 38 -3.28 16.25 20.21
CA PRO D 38 -2.77 17.26 19.26
C PRO D 38 -1.67 18.11 19.87
N GLY D 39 -0.56 18.23 19.15
CA GLY D 39 0.56 19.03 19.60
C GLY D 39 1.36 18.44 20.74
N GLN D 40 1.15 17.16 21.06
CA GLN D 40 1.84 16.51 22.15
C GLN D 40 2.44 15.19 21.66
N ALA D 41 3.52 14.76 22.32
CA ALA D 41 4.18 13.52 21.94
C ALA D 41 3.32 12.32 22.31
N PRO D 42 3.43 11.23 21.56
CA PRO D 42 2.71 10.00 21.94
C PRO D 42 3.17 9.50 23.30
N VAL D 43 2.28 8.78 23.97
CA VAL D 43 2.54 8.21 25.29
C VAL D 43 2.28 6.72 25.21
N LEU D 44 3.31 5.92 25.50
CA LEU D 44 3.14 4.48 25.60
C LEU D 44 2.22 4.14 26.77
N LEU D 45 1.22 3.31 26.52
CA LEU D 45 0.22 2.96 27.52
C LEU D 45 0.30 1.52 27.97
N PHE D 46 0.66 0.62 27.08
CA PHE D 46 0.61 -0.82 27.36
C PHE D 46 1.41 -1.53 26.29
N TYR D 47 2.05 -2.63 26.67
CA TYR D 47 2.81 -3.41 25.70
C TYR D 47 2.93 -4.84 26.20
N GLY D 48 3.24 -5.73 25.27
CA GLY D 48 3.50 -7.12 25.62
C GLY D 48 2.26 -7.86 26.08
N LYS D 49 2.48 -8.80 27.00
CA LYS D 49 1.40 -9.64 27.49
C LYS D 49 0.56 -8.93 28.54
N ASN D 50 1.19 -8.14 29.43
CA ASN D 50 0.49 -7.48 30.51
C ASN D 50 1.36 -6.41 31.17
N ASN D 51 1.95 -5.54 30.37
CA ASN D 51 2.89 -4.54 30.87
C ASN D 51 2.28 -3.15 30.73
N ARG D 52 2.03 -2.49 31.86
CA ARG D 52 1.60 -1.10 31.90
C ARG D 52 2.70 -0.27 32.54
N PRO D 53 3.29 0.68 31.81
CA PRO D 53 4.33 1.53 32.41
C PRO D 53 3.78 2.32 33.60
N SER D 54 4.66 2.58 34.56
CA SER D 54 4.28 3.38 35.72
C SER D 54 3.88 4.80 35.29
N GLY D 55 3.13 5.47 36.15
CA GLY D 55 2.58 6.77 35.84
C GLY D 55 1.34 6.76 34.99
N ILE D 56 0.92 5.61 34.50
CA ILE D 56 -0.30 5.47 33.71
C ILE D 56 -1.41 4.99 34.63
N PRO D 57 -2.59 5.60 34.59
CA PRO D 57 -3.70 5.10 35.40
C PRO D 57 -4.03 3.65 35.08
N ASP D 58 -4.52 2.94 36.10
CA ASP D 58 -4.82 1.52 35.95
C ASP D 58 -6.08 1.24 35.12
N ARG D 59 -6.79 2.29 34.66
CA ARG D 59 -7.96 2.08 33.84
C ARG D 59 -7.63 1.72 32.40
N PHE D 60 -6.35 1.80 32.01
CA PHE D 60 -5.90 1.32 30.71
C PHE D 60 -5.36 -0.10 30.88
N SER D 61 -5.83 -1.02 30.02
CA SER D 61 -5.37 -2.40 30.07
C SER D 61 -5.45 -3.00 28.67
N GLY D 62 -4.56 -3.95 28.40
CA GLY D 62 -4.47 -4.57 27.10
C GLY D 62 -4.72 -6.07 27.18
N SER D 63 -5.26 -6.62 26.09
CA SER D 63 -5.49 -8.05 25.95
C SER D 63 -5.34 -8.43 24.49
N ALA D 64 -5.35 -9.73 24.23
CA ALA D 64 -5.13 -10.22 22.87
C ALA D 64 -5.76 -11.60 22.73
N SER D 65 -6.25 -11.88 21.51
CA SER D 65 -6.77 -13.19 21.17
C SER D 65 -6.79 -13.30 19.65
N GLY D 66 -6.31 -14.44 19.14
CA GLY D 66 -6.31 -14.66 17.71
C GLY D 66 -5.46 -13.62 17.00
N ASN D 67 -6.06 -12.98 16.00
CA ASN D 67 -5.41 -11.88 15.29
C ASN D 67 -5.89 -10.53 15.77
N ARG D 68 -6.33 -10.44 17.03
CA ARG D 68 -6.90 -9.22 17.57
C ARG D 68 -6.17 -8.83 18.84
N ALA D 69 -5.83 -7.55 18.95
CA ALA D 69 -5.38 -6.94 20.19
C ALA D 69 -6.40 -5.89 20.61
N SER D 70 -6.54 -5.70 21.91
CA SER D 70 -7.55 -4.78 22.43
C SER D 70 -6.97 -3.95 23.56
N LEU D 71 -7.34 -2.67 23.57
CA LEU D 71 -7.07 -1.76 24.68
C LEU D 71 -8.41 -1.35 25.28
N THR D 72 -8.54 -1.51 26.59
CA THR D 72 -9.79 -1.19 27.28
C THR D 72 -9.54 -0.02 28.23
N ILE D 73 -10.47 0.93 28.24
CA ILE D 73 -10.46 2.04 29.18
C ILE D 73 -11.67 1.88 30.08
N THR D 74 -11.42 1.63 31.36
CA THR D 74 -12.47 1.41 32.35
C THR D 74 -12.80 2.72 33.05
N GLY D 75 -14.02 3.19 32.87
CA GLY D 75 -14.41 4.47 33.43
C GLY D 75 -13.65 5.61 32.77
N ALA D 76 -13.91 5.85 31.48
CA ALA D 76 -13.18 6.84 30.73
C ALA D 76 -13.40 8.24 31.30
N GLN D 77 -12.29 8.97 31.47
CA GLN D 77 -12.33 10.37 31.92
C GLN D 77 -12.25 11.29 30.71
N ALA D 78 -12.57 12.57 30.95
CA ALA D 78 -12.56 13.55 29.87
C ALA D 78 -11.16 13.70 29.27
N GLU D 79 -10.11 13.54 30.08
CA GLU D 79 -8.75 13.64 29.56
C GLU D 79 -8.32 12.38 28.81
N ASP D 80 -9.20 11.39 28.68
CA ASP D 80 -8.92 10.20 27.87
C ASP D 80 -9.27 10.40 26.40
N GLU D 81 -9.82 11.55 26.04
CA GLU D 81 -10.18 11.84 24.66
C GLU D 81 -8.91 12.17 23.88
N ALA D 82 -8.56 11.32 22.93
CA ALA D 82 -7.32 11.46 22.15
C ALA D 82 -7.39 10.48 20.98
N ASP D 83 -6.28 10.37 20.25
CA ASP D 83 -6.12 9.31 19.25
C ASP D 83 -5.31 8.18 19.85
N TYR D 84 -5.69 6.95 19.53
CA TYR D 84 -5.07 5.76 20.07
C TYR D 84 -4.53 4.90 18.94
N TYR D 85 -3.28 4.46 19.07
CA TYR D 85 -2.60 3.72 18.03
C TYR D 85 -2.09 2.39 18.58
N CYS D 86 -2.25 1.33 17.80
CA CYS D 86 -1.60 0.06 18.08
C CYS D 86 -0.35 -0.07 17.20
N SER D 87 0.63 -0.80 17.72
CA SER D 87 1.87 -1.05 16.98
C SER D 87 2.30 -2.49 17.22
N SER D 88 2.86 -3.10 16.18
CA SER D 88 3.42 -4.46 16.24
C SER D 88 4.30 -4.74 15.03
N ARG D 89 4.61 -6.00 14.78
CA ARG D 89 5.32 -6.33 13.55
C ARG D 89 4.38 -6.24 12.35
N ASP D 90 4.95 -5.96 11.19
CA ASP D 90 4.14 -5.93 9.98
C ASP D 90 3.82 -7.33 9.46
N LYS D 91 4.75 -8.27 9.66
CA LYS D 91 4.53 -9.67 9.32
C LYS D 91 5.05 -10.53 10.46
N SER D 92 4.70 -11.81 10.42
CA SER D 92 5.14 -12.74 11.45
C SER D 92 6.63 -13.03 11.29
N GLY D 93 7.41 -12.72 12.33
CA GLY D 93 8.84 -12.95 12.29
C GLY D 93 9.64 -11.86 11.63
N SER D 94 9.05 -10.69 11.41
CA SER D 94 9.69 -9.61 10.70
C SER D 94 10.48 -8.71 11.64
N ARG D 95 11.50 -8.05 11.08
CA ARG D 95 12.30 -7.07 11.81
C ARG D 95 11.79 -5.65 11.68
N LEU D 96 10.70 -5.43 10.95
CA LEU D 96 10.10 -4.12 10.79
C LEU D 96 8.93 -3.96 11.76
N SER D 97 8.55 -2.72 12.01
CA SER D 97 7.39 -2.41 12.82
C SER D 97 6.39 -1.60 12.02
N VAL D 98 5.15 -1.56 12.49
CA VAL D 98 4.08 -0.84 11.82
C VAL D 98 3.08 -0.37 12.86
N PHE D 99 2.46 0.77 12.59
CA PHE D 99 1.37 1.27 13.41
C PHE D 99 0.03 0.95 12.74
N GLY D 100 -1.01 0.88 13.57
CA GLY D 100 -2.35 0.85 13.04
C GLY D 100 -2.80 2.23 12.61
N GLY D 101 -3.90 2.26 11.84
CA GLY D 101 -4.41 3.52 11.32
C GLY D 101 -4.78 4.53 12.38
N GLY D 102 -5.09 4.09 13.58
CA GLY D 102 -5.45 4.98 14.67
C GLY D 102 -6.95 5.02 14.91
N THR D 103 -7.32 5.25 16.17
CA THR D 103 -8.72 5.34 16.56
C THR D 103 -8.92 6.64 17.33
N LYS D 104 -9.91 7.43 16.90
CA LYS D 104 -10.28 8.65 17.60
C LYS D 104 -11.35 8.30 18.63
N LEU D 105 -11.03 8.52 19.90
CA LEU D 105 -11.95 8.25 20.99
C LEU D 105 -12.54 9.55 21.51
N THR D 106 -13.86 9.67 21.44
CA THR D 106 -14.59 10.81 21.97
C THR D 106 -15.24 10.42 23.28
N VAL D 107 -14.91 11.13 24.35
CA VAL D 107 -15.62 11.03 25.62
C VAL D 107 -16.77 12.02 25.58
N LEU D 108 -17.99 11.51 25.46
CA LEU D 108 -19.15 12.33 25.15
C LEU D 108 -19.38 13.40 26.21
N SER D 109 -19.34 14.66 25.79
CA SER D 109 -19.66 15.79 26.66
C SER D 109 -20.76 16.66 26.07
N GLN D 110 -21.40 16.21 25.00
CA GLN D 110 -22.43 16.96 24.29
C GLN D 110 -23.42 15.97 23.71
N PRO D 111 -24.64 16.39 23.44
CA PRO D 111 -25.56 15.55 22.66
C PRO D 111 -25.06 15.41 21.23
N LYS D 112 -25.45 14.30 20.61
CA LYS D 112 -25.10 14.08 19.21
C LYS D 112 -25.74 15.16 18.33
N ALA D 113 -25.04 15.54 17.27
CA ALA D 113 -25.49 16.60 16.39
C ALA D 113 -25.26 16.17 14.95
N ALA D 114 -26.32 16.17 14.15
CA ALA D 114 -26.19 15.83 12.75
C ALA D 114 -25.52 16.97 11.99
N PRO D 115 -24.65 16.66 11.03
CA PRO D 115 -23.97 17.73 10.29
C PRO D 115 -24.90 18.45 9.32
N SER D 116 -24.65 19.75 9.18
CA SER D 116 -25.29 20.56 8.15
C SER D 116 -24.31 20.69 6.98
N VAL D 117 -24.80 20.47 5.76
CA VAL D 117 -23.97 20.43 4.57
C VAL D 117 -24.33 21.62 3.68
N THR D 118 -23.32 22.42 3.34
CA THR D 118 -23.46 23.55 2.45
C THR D 118 -22.49 23.39 1.29
N LEU D 119 -22.96 23.62 0.07
CA LEU D 119 -22.17 23.38 -1.14
C LEU D 119 -22.05 24.67 -1.93
N PHE D 120 -20.82 25.14 -2.13
CA PHE D 120 -20.57 26.34 -2.90
C PHE D 120 -20.10 25.97 -4.30
N PRO D 121 -20.83 26.36 -5.34
CA PRO D 121 -20.38 26.11 -6.71
C PRO D 121 -19.21 27.02 -7.07
N PRO D 122 -18.54 26.77 -8.20
CA PRO D 122 -17.46 27.67 -8.60
C PRO D 122 -17.98 29.07 -8.90
N SER D 123 -17.35 30.06 -8.30
CA SER D 123 -17.72 31.44 -8.56
C SER D 123 -17.40 31.81 -10.01
N SER D 124 -18.16 32.78 -10.54
CA SER D 124 -17.88 33.26 -11.89
C SER D 124 -16.50 33.87 -11.98
N GLU D 125 -16.04 34.49 -10.89
CA GLU D 125 -14.69 35.08 -10.86
C GLU D 125 -13.63 33.99 -11.02
N GLU D 126 -13.88 32.79 -10.50
CA GLU D 126 -12.92 31.71 -10.61
C GLU D 126 -12.98 31.03 -11.98
N LEU D 127 -14.19 30.87 -12.53
CA LEU D 127 -14.32 30.27 -13.85
C LEU D 127 -13.67 31.15 -14.91
N GLN D 128 -13.75 32.48 -14.75
CA GLN D 128 -13.10 33.37 -15.71
C GLN D 128 -11.58 33.24 -15.66
N ALA D 129 -11.04 32.84 -14.51
CA ALA D 129 -9.61 32.56 -14.38
C ALA D 129 -9.26 31.13 -14.75
N ASN D 130 -10.17 30.42 -15.41
CA ASN D 130 -9.92 29.08 -15.96
C ASN D 130 -9.74 28.02 -14.88
N LYS D 131 -10.41 28.19 -13.74
CA LYS D 131 -10.40 27.22 -12.65
C LYS D 131 -11.82 26.99 -12.17
N ALA D 132 -12.01 25.92 -11.39
CA ALA D 132 -13.33 25.58 -10.87
C ALA D 132 -13.14 24.75 -9.60
N THR D 133 -13.63 25.28 -8.47
CA THR D 133 -13.54 24.59 -7.19
C THR D 133 -14.93 24.52 -6.57
N LEU D 134 -15.34 23.30 -6.22
CA LEU D 134 -16.53 23.09 -5.41
C LEU D 134 -16.12 23.02 -3.95
N VAL D 135 -16.72 23.86 -3.11
CA VAL D 135 -16.42 23.90 -1.69
C VAL D 135 -17.62 23.34 -0.94
N CYS D 136 -17.37 22.29 -0.15
CA CYS D 136 -18.41 21.65 0.64
C CYS D 136 -18.17 21.99 2.11
N LEU D 137 -19.12 22.70 2.71
CA LEU D 137 -19.03 23.11 4.10
C LEU D 137 -19.86 22.14 4.96
N ILE D 138 -19.20 21.51 5.92
CA ILE D 138 -19.84 20.61 6.87
C ILE D 138 -19.63 21.21 8.25
N SER D 139 -20.73 21.42 8.99
CA SER D 139 -20.63 22.12 10.26
C SER D 139 -21.66 21.61 11.25
N ASP D 140 -21.42 21.93 12.52
CA ASP D 140 -22.36 21.70 13.62
C ASP D 140 -22.66 20.21 13.81
N PHE D 141 -21.61 19.40 13.84
CA PHE D 141 -21.76 17.97 14.08
C PHE D 141 -20.93 17.55 15.28
N TYR D 142 -21.44 16.54 15.99
CA TYR D 142 -20.78 15.99 17.16
C TYR D 142 -21.22 14.54 17.32
N PRO D 143 -20.26 13.62 17.57
CA PRO D 143 -18.82 13.84 17.67
C PRO D 143 -18.14 14.18 16.34
N GLY D 144 -16.88 14.59 16.39
CA GLY D 144 -16.19 15.06 15.20
C GLY D 144 -15.58 13.98 14.34
N ALA D 145 -16.42 13.12 13.76
CA ALA D 145 -15.95 12.04 12.90
C ALA D 145 -16.92 11.91 11.73
N VAL D 146 -16.46 12.26 10.53
CA VAL D 146 -17.29 12.23 9.33
C VAL D 146 -16.51 11.57 8.21
N THR D 147 -17.25 10.99 7.26
CA THR D 147 -16.71 10.51 6.00
C THR D 147 -17.38 11.28 4.87
N VAL D 148 -16.57 11.85 3.98
CA VAL D 148 -17.06 12.69 2.89
C VAL D 148 -16.85 11.95 1.58
N ALA D 149 -17.88 11.93 0.75
CA ALA D 149 -17.82 11.34 -0.58
C ALA D 149 -18.40 12.31 -1.59
N TRP D 150 -17.83 12.34 -2.78
CA TRP D 150 -18.27 13.22 -3.84
C TRP D 150 -18.89 12.41 -4.98
N LYS D 151 -19.88 13.01 -5.63
CA LYS D 151 -20.55 12.36 -6.75
C LYS D 151 -20.71 13.35 -7.89
N ALA D 152 -20.33 12.93 -9.10
CA ALA D 152 -20.60 13.67 -10.32
C ALA D 152 -21.76 12.97 -11.01
N ASP D 153 -22.92 13.63 -11.04
CA ASP D 153 -24.18 13.00 -11.39
C ASP D 153 -24.45 11.85 -10.43
N SER D 154 -24.39 10.60 -10.92
CA SER D 154 -24.58 9.43 -10.06
C SER D 154 -23.32 8.62 -9.88
N SER D 155 -22.16 9.08 -10.44
CA SER D 155 -20.88 8.40 -10.34
C SER D 155 -20.01 9.00 -9.25
N PRO D 156 -19.36 8.18 -8.44
CA PRO D 156 -18.50 8.72 -7.38
C PRO D 156 -17.29 9.42 -7.98
N VAL D 157 -17.02 10.63 -7.49
CA VAL D 157 -15.85 11.38 -7.94
C VAL D 157 -14.61 10.78 -7.32
N LYS D 158 -13.56 10.64 -8.14
CA LYS D 158 -12.35 9.94 -7.69
C LYS D 158 -11.21 10.90 -7.40
N ALA D 159 -10.73 11.60 -8.41
CA ALA D 159 -9.59 12.49 -8.28
C ALA D 159 -10.02 13.92 -7.98
N GLY D 160 -9.06 14.73 -7.54
CA GLY D 160 -9.31 16.14 -7.31
C GLY D 160 -10.05 16.48 -6.04
N VAL D 161 -10.06 15.60 -5.05
CA VAL D 161 -10.79 15.82 -3.80
C VAL D 161 -9.78 16.06 -2.68
N GLU D 162 -10.00 17.11 -1.89
CA GLU D 162 -9.21 17.40 -0.72
C GLU D 162 -10.14 17.73 0.44
N THR D 163 -9.93 17.06 1.58
CA THR D 163 -10.77 17.22 2.75
C THR D 163 -9.88 17.56 3.94
N THR D 164 -10.42 18.33 4.88
CA THR D 164 -9.68 18.75 6.06
C THR D 164 -10.17 17.99 7.29
N THR D 165 -9.29 17.85 8.27
CA THR D 165 -9.64 17.23 9.54
C THR D 165 -10.61 18.12 10.31
N PRO D 166 -11.67 17.55 10.89
CA PRO D 166 -12.61 18.37 11.66
C PRO D 166 -11.92 19.09 12.81
N SER D 167 -12.42 20.29 13.09
CA SER D 167 -11.92 21.10 14.19
C SER D 167 -13.09 21.74 14.91
N LYS D 168 -12.81 22.27 16.10
CA LYS D 168 -13.86 22.83 16.95
C LYS D 168 -14.31 24.18 16.44
N GLN D 169 -15.60 24.46 16.61
CA GLN D 169 -16.16 25.78 16.39
C GLN D 169 -16.16 26.54 17.71
N SER D 170 -16.87 27.67 17.76
CA SER D 170 -16.96 28.42 19.00
C SER D 170 -17.81 27.70 20.04
N ASN D 171 -18.76 26.89 19.58
CA ASN D 171 -19.69 26.18 20.46
C ASN D 171 -19.26 24.73 20.72
N ASN D 172 -17.96 24.46 20.62
CA ASN D 172 -17.41 23.13 20.86
C ASN D 172 -17.95 22.07 19.90
N LYS D 173 -18.78 22.48 18.94
CA LYS D 173 -19.18 21.58 17.88
C LYS D 173 -18.15 21.62 16.76
N TYR D 174 -18.21 20.62 15.89
CA TYR D 174 -17.17 20.45 14.87
C TYR D 174 -17.63 20.96 13.51
N ALA D 175 -16.66 21.42 12.74
CA ALA D 175 -16.86 21.77 11.34
C ALA D 175 -15.78 21.09 10.49
N ALA D 176 -16.06 21.00 9.19
CA ALA D 176 -15.15 20.41 8.22
C ALA D 176 -15.44 21.01 6.84
N SER D 177 -14.46 20.89 5.95
CA SER D 177 -14.56 21.38 4.59
C SER D 177 -13.94 20.36 3.64
N SER D 178 -14.50 20.28 2.43
CA SER D 178 -13.98 19.42 1.39
C SER D 178 -13.99 20.19 0.08
N TYR D 179 -12.98 19.96 -0.75
CA TYR D 179 -12.80 20.69 -1.99
C TYR D 179 -12.73 19.71 -3.15
N LEU D 180 -13.47 20.00 -4.21
CA LEU D 180 -13.38 19.23 -5.45
C LEU D 180 -12.89 20.17 -6.54
N SER D 181 -11.74 19.86 -7.12
CA SER D 181 -11.13 20.69 -8.14
C SER D 181 -11.44 20.14 -9.52
N LEU D 182 -11.98 20.99 -10.39
CA LEU D 182 -12.38 20.61 -11.73
C LEU D 182 -11.90 21.65 -12.73
N THR D 183 -11.82 21.25 -13.98
CA THR D 183 -11.64 22.22 -15.04
C THR D 183 -13.00 22.83 -15.41
N PRO D 184 -13.02 24.06 -15.92
CA PRO D 184 -14.31 24.65 -16.34
C PRO D 184 -15.07 23.80 -17.35
N GLU D 185 -14.37 23.01 -18.15
CA GLU D 185 -15.06 22.11 -19.08
C GLU D 185 -15.68 20.93 -18.35
N GLN D 186 -14.99 20.41 -17.33
CA GLN D 186 -15.56 19.31 -16.54
C GLN D 186 -16.76 19.77 -15.74
N TRP D 187 -16.72 21.00 -15.22
CA TRP D 187 -17.80 21.49 -14.37
C TRP D 187 -19.11 21.61 -15.13
N LYS D 188 -19.04 22.05 -16.39
CA LYS D 188 -20.24 22.30 -17.19
C LYS D 188 -20.69 21.08 -17.99
N SER D 189 -19.99 19.95 -17.87
CA SER D 189 -20.32 18.76 -18.63
C SER D 189 -21.20 17.77 -17.87
N HIS D 190 -21.36 17.95 -16.56
CA HIS D 190 -22.22 17.10 -15.75
C HIS D 190 -23.46 17.87 -15.34
N ARG D 191 -24.55 17.13 -15.09
CA ARG D 191 -25.81 17.76 -14.73
C ARG D 191 -25.91 18.09 -13.24
N SER D 192 -25.10 17.44 -12.39
CA SER D 192 -25.15 17.73 -10.97
C SER D 192 -23.87 17.22 -10.31
N TYR D 193 -23.60 17.77 -9.12
CA TYR D 193 -22.52 17.32 -8.26
C TYR D 193 -23.04 17.26 -6.83
N SER D 194 -22.65 16.21 -6.10
CA SER D 194 -23.15 15.98 -4.76
C SER D 194 -22.01 15.84 -3.77
N CYS D 195 -22.27 16.27 -2.55
CA CYS D 195 -21.34 16.11 -1.43
C CYS D 195 -22.03 15.23 -0.38
N GLN D 196 -21.61 13.97 -0.28
CA GLN D 196 -22.19 13.02 0.66
C GLN D 196 -21.37 13.02 1.95
N VAL D 197 -22.02 13.32 3.07
CA VAL D 197 -21.37 13.34 4.38
C VAL D 197 -22.06 12.30 5.26
N THR D 198 -21.30 11.30 5.70
CA THR D 198 -21.81 10.24 6.57
C THR D 198 -21.32 10.47 7.98
N HIS D 199 -22.25 10.54 8.94
CA HIS D 199 -21.94 10.85 10.32
C HIS D 199 -22.76 9.93 11.21
N GLU D 200 -22.07 9.05 11.93
CA GLU D 200 -22.71 8.08 12.82
C GLU D 200 -23.74 7.23 12.06
N GLY D 201 -23.38 6.80 10.85
CA GLY D 201 -24.24 5.97 10.05
C GLY D 201 -25.30 6.69 9.24
N SER D 202 -25.49 7.99 9.44
CA SER D 202 -26.49 8.76 8.70
C SER D 202 -25.81 9.65 7.69
N THR D 203 -26.39 9.74 6.50
CA THR D 203 -25.81 10.49 5.39
C THR D 203 -26.62 11.76 5.13
N VAL D 204 -25.92 12.90 5.03
CA VAL D 204 -26.52 14.17 4.66
C VAL D 204 -25.92 14.60 3.32
N GLU D 205 -26.78 14.97 2.38
CA GLU D 205 -26.38 15.22 1.01
C GLU D 205 -26.71 16.66 0.61
N LYS D 206 -25.86 17.22 -0.24
CA LYS D 206 -26.14 18.49 -0.89
C LYS D 206 -25.76 18.38 -2.36
N THR D 207 -26.61 18.93 -3.23
CA THR D 207 -26.43 18.80 -4.68
C THR D 207 -26.49 20.17 -5.34
N VAL D 208 -25.56 20.43 -6.26
CA VAL D 208 -25.54 21.63 -7.06
C VAL D 208 -25.58 21.24 -8.53
N ALA D 209 -26.12 22.14 -9.34
CA ALA D 209 -26.10 21.99 -10.79
C ALA D 209 -25.43 23.19 -11.43
N PRO D 210 -24.79 23.00 -12.59
CA PRO D 210 -24.27 24.15 -13.36
C PRO D 210 -25.40 24.99 -13.94
N ALA E 15 -34.93 -11.06 -11.21
CA ALA E 15 -34.10 -10.72 -10.05
C ALA E 15 -33.18 -9.54 -10.37
N SER E 16 -32.81 -9.41 -11.64
CA SER E 16 -31.95 -8.33 -12.07
C SER E 16 -32.68 -7.00 -12.19
N LEU E 17 -34.02 -7.01 -12.17
CA LEU E 17 -34.77 -5.76 -12.25
C LEU E 17 -34.52 -4.88 -11.04
N TRP E 18 -34.32 -5.48 -9.87
CA TRP E 18 -34.06 -4.72 -8.65
C TRP E 18 -32.57 -4.40 -8.53
N ASN E 19 -32.27 -3.45 -7.64
CA ASN E 19 -30.89 -3.12 -7.32
C ASN E 19 -30.34 -4.16 -6.36
N TRP E 20 -29.30 -4.87 -6.80
CA TRP E 20 -28.72 -5.95 -5.98
C TRP E 20 -28.30 -5.45 -4.61
N PHE E 21 -27.64 -4.29 -4.55
CA PHE E 21 -27.15 -3.79 -3.27
C PHE E 21 -28.31 -3.47 -2.32
N ASP E 22 -29.49 -3.19 -2.87
CA ASP E 22 -30.66 -2.93 -2.05
C ASP E 22 -31.42 -4.21 -1.68
N ILE E 23 -31.47 -5.20 -2.59
CA ILE E 23 -32.10 -6.47 -2.28
C ILE E 23 -31.46 -7.10 -1.04
N THR E 24 -30.16 -7.37 -1.13
CA THR E 24 -29.45 -8.03 -0.03
C THR E 24 -29.58 -7.23 1.26
N ASN E 25 -29.63 -5.90 1.15
CA ASN E 25 -29.83 -5.08 2.33
C ASN E 25 -31.25 -5.26 2.89
N TRP E 26 -32.24 -5.35 2.00
CA TRP E 26 -33.62 -5.59 2.43
C TRP E 26 -33.78 -7.00 2.99
N LEU E 27 -33.21 -8.00 2.31
CA LEU E 27 -33.30 -9.37 2.80
C LEU E 27 -32.58 -9.53 4.13
N TRP E 28 -31.59 -8.69 4.40
CA TRP E 28 -30.92 -8.74 5.71
C TRP E 28 -31.78 -8.13 6.81
N TYR E 29 -32.56 -7.10 6.48
CA TYR E 29 -33.46 -6.52 7.47
C TYR E 29 -34.58 -7.47 7.85
N ILE E 30 -35.07 -8.27 6.90
CA ILE E 30 -36.17 -9.19 7.19
C ILE E 30 -35.75 -10.25 8.19
N ARG E 31 -34.59 -10.88 7.95
CA ARG E 31 -34.10 -11.88 8.88
C ARG E 31 -33.80 -11.28 10.25
N ARG E 32 -33.22 -10.09 10.27
CA ARG E 32 -32.89 -9.42 11.53
C ARG E 32 -34.02 -8.51 12.00
N ALA F 15 22.71 -7.90 28.75
CA ALA F 15 21.66 -8.34 27.84
C ALA F 15 21.81 -7.67 26.47
N SER F 16 22.47 -6.52 26.46
CA SER F 16 22.68 -5.76 25.22
C SER F 16 23.90 -6.22 24.43
N LEU F 17 24.84 -6.93 25.07
CA LEU F 17 26.00 -7.44 24.34
C LEU F 17 25.62 -8.63 23.46
N TRP F 18 24.56 -9.34 23.80
CA TRP F 18 24.05 -10.40 22.95
C TRP F 18 23.25 -9.82 21.79
N ASN F 19 23.24 -10.54 20.68
CA ASN F 19 22.44 -10.16 19.52
C ASN F 19 20.98 -10.49 19.80
N TRP F 20 20.12 -9.48 19.80
CA TRP F 20 18.72 -9.69 20.15
C TRP F 20 18.04 -10.66 19.19
N PHE F 21 18.34 -10.55 17.89
CA PHE F 21 17.70 -11.44 16.91
C PHE F 21 18.18 -12.87 17.07
N ASP F 22 19.42 -13.07 17.53
CA ASP F 22 19.90 -14.43 17.78
C ASP F 22 19.42 -14.98 19.10
N ILE F 23 19.24 -14.11 20.11
CA ILE F 23 18.76 -14.56 21.41
C ILE F 23 17.34 -15.07 21.33
N THR F 24 16.45 -14.30 20.68
CA THR F 24 15.05 -14.70 20.59
C THR F 24 14.89 -15.99 19.80
N ASN F 25 15.70 -16.16 18.76
CA ASN F 25 15.68 -17.41 18.01
C ASN F 25 16.11 -18.58 18.89
N TRP F 26 17.09 -18.36 19.77
CA TRP F 26 17.57 -19.44 20.63
C TRP F 26 16.56 -19.77 21.71
N LEU F 27 16.00 -18.75 22.37
CA LEU F 27 14.97 -18.98 23.37
C LEU F 27 13.76 -19.69 22.75
N TRP F 28 13.43 -19.34 21.51
CA TRP F 28 12.33 -20.02 20.82
C TRP F 28 12.66 -21.49 20.56
N TYR F 29 13.89 -21.76 20.12
CA TYR F 29 14.31 -23.14 19.91
C TYR F 29 14.29 -23.95 21.20
N ILE F 30 14.52 -23.30 22.33
CA ILE F 30 14.60 -24.02 23.61
C ILE F 30 13.22 -24.55 24.01
N ARG F 31 12.21 -23.69 24.03
CA ARG F 31 10.89 -24.13 24.45
C ARG F 31 10.29 -25.15 23.48
N ARG F 32 10.62 -25.03 22.20
CA ARG F 32 10.08 -25.95 21.19
C ARG F 32 11.03 -27.13 20.98
#